data_4ID8
# 
_entry.id   4ID8 
# 
_audit_conform.dict_name       mmcif_pdbx.dic 
_audit_conform.dict_version    5.379 
_audit_conform.dict_location   http://mmcif.pdb.org/dictionaries/ascii/mmcif_pdbx.dic 
# 
loop_
_database_2.database_id 
_database_2.database_code 
_database_2.pdbx_database_accession 
_database_2.pdbx_DOI 
PDB   4ID8         pdb_00004id8 10.2210/pdb4id8/pdb 
RCSB  RCSB076605   ?            ?                   
WWPDB D_1000076605 ?            ?                   
# 
_pdbx_database_status.status_code                     REL 
_pdbx_database_status.entry_id                        4ID8 
_pdbx_database_status.recvd_initial_deposition_date   2012-12-11 
_pdbx_database_status.deposit_site                    RCSB 
_pdbx_database_status.process_site                    RCSB 
_pdbx_database_status.status_code_sf                  REL 
_pdbx_database_status.status_code_mr                  ? 
_pdbx_database_status.SG_entry                        ? 
_pdbx_database_status.status_code_cs                  ? 
_pdbx_database_status.methods_development_category    ? 
_pdbx_database_status.pdb_format_compatible           Y 
_pdbx_database_status.status_code_nmr_data            ? 
# 
loop_
_audit_author.name 
_audit_author.pdbx_ordinal 
'Zhou, W.H.'  1 
'Zhang, T.'   2 
'Zhang, A.L.' 3 
'Bell, S.G.'  4 
'Wong, L.-L.' 5 
# 
_citation.id                        primary 
_citation.title                     
;The structure of a novel electron-transfer ferredoxin from Rhodopseudomonas palustris HaA2 which contains a histidine residue in its iron-sulfur cluster-binding motif.
;
_citation.journal_abbrev            'Acta Crystallogr.,Sect.D' 
_citation.journal_volume            70 
_citation.page_first                1453 
_citation.page_last                 1464 
_citation.year                      2014 
_citation.journal_id_ASTM           ABCRE6 
_citation.country                   DK 
_citation.journal_id_ISSN           0907-4449 
_citation.journal_id_CSD            0766 
_citation.book_publisher            ? 
_citation.pdbx_database_id_PubMed   24816113 
_citation.pdbx_database_id_DOI      10.1107/S139900471400474X 
# 
loop_
_citation_author.citation_id 
_citation_author.name 
_citation_author.ordinal 
_citation_author.identifier_ORCID 
primary 'Zhang, T.'  1 ? 
primary 'Zhang, A.'  2 ? 
primary 'Bell, S.G.' 3 ? 
primary 'Wong, L.L.' 4 ? 
primary 'Zhou, W.'   5 ? 
# 
_cell.entry_id           4ID8 
_cell.length_a           23.354 
_cell.length_b           26.699 
_cell.length_c           91.094 
_cell.angle_alpha        90.00 
_cell.angle_beta         90.00 
_cell.angle_gamma        90.00 
_cell.Z_PDB              4 
_cell.pdbx_unique_axis   ? 
_cell.length_a_esd       ? 
_cell.length_b_esd       ? 
_cell.length_c_esd       ? 
_cell.angle_alpha_esd    ? 
_cell.angle_beta_esd     ? 
_cell.angle_gamma_esd    ? 
# 
_symmetry.entry_id                         4ID8 
_symmetry.space_group_name_H-M             'P 21 21 21' 
_symmetry.pdbx_full_space_group_name_H-M   ? 
_symmetry.cell_setting                     ? 
_symmetry.Int_Tables_number                19 
_symmetry.space_group_name_Hall            ? 
# 
loop_
_entity.id 
_entity.type 
_entity.src_method 
_entity.pdbx_description 
_entity.formula_weight 
_entity.pdbx_number_of_molecules 
_entity.pdbx_ec 
_entity.pdbx_mutation 
_entity.pdbx_fragment 
_entity.details 
1 polymer     man 'Putative ferredoxin' 7592.444 1  ? ? ? ? 
2 non-polymer syn 'FE3-S4 CLUSTER'      295.795  1  ? ? ? ? 
3 water       nat water                 18.015   19 ? ? ? ? 
# 
_entity_poly.entity_id                      1 
_entity_poly.type                           'polypeptide(L)' 
_entity_poly.nstd_linkage                   no 
_entity_poly.nstd_monomer                   no 
_entity_poly.pdbx_seq_one_letter_code       MSEMLTIHVDQDKCQGHARCKALAPELFDLDDYGNAHEKGDGVVPADLIDKAWLAKSNCPENAIDITED 
_entity_poly.pdbx_seq_one_letter_code_can   MSEMLTIHVDQDKCQGHARCKALAPELFDLDDYGNAHEKGDGVVPADLIDKAWLAKSNCPENAIDITED 
_entity_poly.pdbx_strand_id                 A 
_entity_poly.pdbx_target_identifier         ? 
# 
loop_
_entity_poly_seq.entity_id 
_entity_poly_seq.num 
_entity_poly_seq.mon_id 
_entity_poly_seq.hetero 
1 1  MET n 
1 2  SER n 
1 3  GLU n 
1 4  MET n 
1 5  LEU n 
1 6  THR n 
1 7  ILE n 
1 8  HIS n 
1 9  VAL n 
1 10 ASP n 
1 11 GLN n 
1 12 ASP n 
1 13 LYS n 
1 14 CYS n 
1 15 GLN n 
1 16 GLY n 
1 17 HIS n 
1 18 ALA n 
1 19 ARG n 
1 20 CYS n 
1 21 LYS n 
1 22 ALA n 
1 23 LEU n 
1 24 ALA n 
1 25 PRO n 
1 26 GLU n 
1 27 LEU n 
1 28 PHE n 
1 29 ASP n 
1 30 LEU n 
1 31 ASP n 
1 32 ASP n 
1 33 TYR n 
1 34 GLY n 
1 35 ASN n 
1 36 ALA n 
1 37 HIS n 
1 38 GLU n 
1 39 LYS n 
1 40 GLY n 
1 41 ASP n 
1 42 GLY n 
1 43 VAL n 
1 44 VAL n 
1 45 PRO n 
1 46 ALA n 
1 47 ASP n 
1 48 LEU n 
1 49 ILE n 
1 50 ASP n 
1 51 LYS n 
1 52 ALA n 
1 53 TRP n 
1 54 LEU n 
1 55 ALA n 
1 56 LYS n 
1 57 SER n 
1 58 ASN n 
1 59 CYS n 
1 60 PRO n 
1 61 GLU n 
1 62 ASN n 
1 63 ALA n 
1 64 ILE n 
1 65 ASP n 
1 66 ILE n 
1 67 THR n 
1 68 GLU n 
1 69 ASP n 
# 
_entity_src_gen.entity_id                          1 
_entity_src_gen.pdbx_src_id                        1 
_entity_src_gen.pdbx_alt_source_flag               sample 
_entity_src_gen.pdbx_seq_type                      ? 
_entity_src_gen.pdbx_beg_seq_num                   ? 
_entity_src_gen.pdbx_end_seq_num                   ? 
_entity_src_gen.gene_src_common_name               ? 
_entity_src_gen.gene_src_genus                     ? 
_entity_src_gen.pdbx_gene_src_gene                 RPB_3630 
_entity_src_gen.gene_src_species                   ? 
_entity_src_gen.gene_src_strain                    HaA2 
_entity_src_gen.gene_src_tissue                    ? 
_entity_src_gen.gene_src_tissue_fraction           ? 
_entity_src_gen.gene_src_details                   ? 
_entity_src_gen.pdbx_gene_src_fragment             ? 
_entity_src_gen.pdbx_gene_src_scientific_name      'Rhodopseudomonas palustris' 
_entity_src_gen.pdbx_gene_src_ncbi_taxonomy_id     316058 
_entity_src_gen.pdbx_gene_src_variant              ? 
_entity_src_gen.pdbx_gene_src_cell_line            ? 
_entity_src_gen.pdbx_gene_src_atcc                 ? 
_entity_src_gen.pdbx_gene_src_organ                ? 
_entity_src_gen.pdbx_gene_src_organelle            ? 
_entity_src_gen.pdbx_gene_src_cell                 ? 
_entity_src_gen.pdbx_gene_src_cellular_location    ? 
_entity_src_gen.host_org_common_name               ? 
_entity_src_gen.pdbx_host_org_scientific_name      'Escherichia coli' 
_entity_src_gen.pdbx_host_org_ncbi_taxonomy_id     469008 
_entity_src_gen.host_org_genus                     ? 
_entity_src_gen.pdbx_host_org_gene                 ? 
_entity_src_gen.pdbx_host_org_organ                ? 
_entity_src_gen.host_org_species                   ? 
_entity_src_gen.pdbx_host_org_tissue               ? 
_entity_src_gen.pdbx_host_org_tissue_fraction      ? 
_entity_src_gen.pdbx_host_org_strain               'BL21(DE3)' 
_entity_src_gen.pdbx_host_org_variant              ? 
_entity_src_gen.pdbx_host_org_cell_line            ? 
_entity_src_gen.pdbx_host_org_atcc                 ? 
_entity_src_gen.pdbx_host_org_culture_collection   ? 
_entity_src_gen.pdbx_host_org_cell                 ? 
_entity_src_gen.pdbx_host_org_organelle            ? 
_entity_src_gen.pdbx_host_org_cellular_location    ? 
_entity_src_gen.pdbx_host_org_vector_type          plasmid 
_entity_src_gen.pdbx_host_org_vector               ? 
_entity_src_gen.host_org_details                   ? 
_entity_src_gen.expression_system_id               ? 
_entity_src_gen.plasmid_name                       pET28a 
_entity_src_gen.plasmid_details                    ? 
_entity_src_gen.pdbx_description                   ? 
# 
_struct_ref.id                         1 
_struct_ref.db_name                    UNP 
_struct_ref.db_code                    Q2ITY5_RHOP2 
_struct_ref.pdbx_db_accession          Q2ITY5 
_struct_ref.entity_id                  1 
_struct_ref.pdbx_seq_one_letter_code   MSEMLTIHVDQDKCQGHARCKALAPELFDLDDYGNAHEKGDGVVPADLIDKAWLAKSNCPENAIDITED 
_struct_ref.pdbx_align_begin           1 
_struct_ref.pdbx_db_isoform            ? 
# 
_struct_ref_seq.align_id                      1 
_struct_ref_seq.ref_id                        1 
_struct_ref_seq.pdbx_PDB_id_code              4ID8 
_struct_ref_seq.pdbx_strand_id                A 
_struct_ref_seq.seq_align_beg                 1 
_struct_ref_seq.pdbx_seq_align_beg_ins_code   ? 
_struct_ref_seq.seq_align_end                 69 
_struct_ref_seq.pdbx_seq_align_end_ins_code   ? 
_struct_ref_seq.pdbx_db_accession             Q2ITY5 
_struct_ref_seq.db_align_beg                  1 
_struct_ref_seq.pdbx_db_align_beg_ins_code    ? 
_struct_ref_seq.db_align_end                  69 
_struct_ref_seq.pdbx_db_align_end_ins_code    ? 
_struct_ref_seq.pdbx_auth_seq_align_beg       1 
_struct_ref_seq.pdbx_auth_seq_align_end       69 
# 
loop_
_chem_comp.id 
_chem_comp.type 
_chem_comp.mon_nstd_flag 
_chem_comp.name 
_chem_comp.pdbx_synonyms 
_chem_comp.formula 
_chem_comp.formula_weight 
ALA 'L-peptide linking' y ALANINE          ? 'C3 H7 N O2'     89.093  
ARG 'L-peptide linking' y ARGININE         ? 'C6 H15 N4 O2 1' 175.209 
ASN 'L-peptide linking' y ASPARAGINE       ? 'C4 H8 N2 O3'    132.118 
ASP 'L-peptide linking' y 'ASPARTIC ACID'  ? 'C4 H7 N O4'     133.103 
CYS 'L-peptide linking' y CYSTEINE         ? 'C3 H7 N O2 S'   121.158 
F3S non-polymer         . 'FE3-S4 CLUSTER' ? 'Fe3 S4'         295.795 
GLN 'L-peptide linking' y GLUTAMINE        ? 'C5 H10 N2 O3'   146.144 
GLU 'L-peptide linking' y 'GLUTAMIC ACID'  ? 'C5 H9 N O4'     147.129 
GLY 'peptide linking'   y GLYCINE          ? 'C2 H5 N O2'     75.067  
HIS 'L-peptide linking' y HISTIDINE        ? 'C6 H10 N3 O2 1' 156.162 
HOH non-polymer         . WATER            ? 'H2 O'           18.015  
ILE 'L-peptide linking' y ISOLEUCINE       ? 'C6 H13 N O2'    131.173 
LEU 'L-peptide linking' y LEUCINE          ? 'C6 H13 N O2'    131.173 
LYS 'L-peptide linking' y LYSINE           ? 'C6 H15 N2 O2 1' 147.195 
MET 'L-peptide linking' y METHIONINE       ? 'C5 H11 N O2 S'  149.211 
PHE 'L-peptide linking' y PHENYLALANINE    ? 'C9 H11 N O2'    165.189 
PRO 'L-peptide linking' y PROLINE          ? 'C5 H9 N O2'     115.130 
SER 'L-peptide linking' y SERINE           ? 'C3 H7 N O3'     105.093 
THR 'L-peptide linking' y THREONINE        ? 'C4 H9 N O3'     119.119 
TRP 'L-peptide linking' y TRYPTOPHAN       ? 'C11 H12 N2 O2'  204.225 
TYR 'L-peptide linking' y TYROSINE         ? 'C9 H11 N O3'    181.189 
VAL 'L-peptide linking' y VALINE           ? 'C5 H11 N O2'    117.146 
# 
_exptl.entry_id          4ID8 
_exptl.method            'X-RAY DIFFRACTION' 
_exptl.crystals_number   1 
# 
_exptl_crystal.id                    1 
_exptl_crystal.density_meas          ? 
_exptl_crystal.density_Matthews      1.87 
_exptl_crystal.density_percent_sol   34.23 
_exptl_crystal.description           ? 
_exptl_crystal.F_000                 ? 
_exptl_crystal.preparation           ? 
# 
_exptl_crystal_grow.crystal_id      1 
_exptl_crystal_grow.method          'VAPOR DIFFUSION, HANGING DROP' 
_exptl_crystal_grow.temp            293 
_exptl_crystal_grow.temp_details    ? 
_exptl_crystal_grow.pH              8.5 
_exptl_crystal_grow.pdbx_details    
;0.3 M potassium sodium tartrate tetrahydrate, 0.1 M Tris, pH 8.5, 2.4 M ammonium sulfate, VAPOR DIFFUSION, HANGING DROP, temperature 293K
;
_exptl_crystal_grow.pdbx_pH_range   ? 
# 
_diffrn.id                     1 
_diffrn.ambient_temp           100 
_diffrn.ambient_temp_details   ? 
_diffrn.crystal_id             1 
# 
_diffrn_detector.diffrn_id              1 
_diffrn_detector.detector               'IMAGE PLATE' 
_diffrn_detector.type                   'RIGAKU RAXIS HTC' 
_diffrn_detector.pdbx_collection_date   2012-04-25 
_diffrn_detector.details                mirrors 
# 
_diffrn_radiation.diffrn_id                        1 
_diffrn_radiation.wavelength_id                    1 
_diffrn_radiation.pdbx_monochromatic_or_laue_m_l   M 
_diffrn_radiation.monochromator                    ? 
_diffrn_radiation.pdbx_diffrn_protocol             'SINGLE WAVELENGTH' 
_diffrn_radiation.pdbx_scattering_type             x-ray 
# 
_diffrn_radiation_wavelength.id           1 
_diffrn_radiation_wavelength.wavelength   1.5418 
_diffrn_radiation_wavelength.wt           1.0 
# 
_diffrn_source.diffrn_id                   1 
_diffrn_source.source                      'ROTATING ANODE' 
_diffrn_source.type                        'RIGAKU MICROMAX-007' 
_diffrn_source.pdbx_synchrotron_site       ? 
_diffrn_source.pdbx_synchrotron_beamline   ? 
_diffrn_source.pdbx_wavelength             ? 
_diffrn_source.pdbx_wavelength_list        1.5418 
# 
_reflns.entry_id                     4ID8 
_reflns.observed_criterion_sigma_I   1 
_reflns.observed_criterion_sigma_F   1 
_reflns.d_resolution_low             50.00 
_reflns.d_resolution_high            2.15 
_reflns.number_obs                   3298 
_reflns.number_all                   3425 
_reflns.percent_possible_obs         96.3 
_reflns.pdbx_Rmerge_I_obs            0.083 
_reflns.pdbx_Rsym_value              0.086 
_reflns.pdbx_netI_over_sigmaI        16.4 
_reflns.B_iso_Wilson_estimate        27.6 
_reflns.pdbx_redundancy              5.6 
_reflns.R_free_details               ? 
_reflns.limit_h_max                  ? 
_reflns.limit_h_min                  ? 
_reflns.limit_k_max                  ? 
_reflns.limit_k_min                  ? 
_reflns.limit_l_max                  ? 
_reflns.limit_l_min                  ? 
_reflns.observed_criterion_F_max     ? 
_reflns.observed_criterion_F_min     ? 
_reflns.pdbx_chi_squared             ? 
_reflns.pdbx_scaling_rejects         ? 
_reflns.pdbx_ordinal                 1 
_reflns.pdbx_diffrn_id               1 
# 
_reflns_shell.d_res_high             2.15 
_reflns_shell.d_res_low              2.23 
_reflns_shell.percent_possible_all   76.5 
_reflns_shell.Rmerge_I_obs           0.161 
_reflns_shell.pdbx_Rsym_value        0.133 
_reflns_shell.meanI_over_sigI_obs    7.9 
_reflns_shell.pdbx_redundancy        3.8 
_reflns_shell.percent_possible_obs   ? 
_reflns_shell.number_unique_all      323 
_reflns_shell.number_measured_all    ? 
_reflns_shell.number_measured_obs    ? 
_reflns_shell.number_unique_obs      ? 
_reflns_shell.pdbx_chi_squared       ? 
_reflns_shell.pdbx_ordinal           1 
_reflns_shell.pdbx_diffrn_id         1 
# 
_refine.entry_id                                 4ID8 
_refine.ls_number_reflns_obs                     3105 
_refine.ls_number_reflns_all                     3246 
_refine.pdbx_ls_sigma_I                          0 
_refine.pdbx_ls_sigma_F                          ? 
_refine.pdbx_data_cutoff_high_absF               ? 
_refine.pdbx_data_cutoff_low_absF                ? 
_refine.pdbx_data_cutoff_high_rms_absF           ? 
_refine.ls_d_res_low                             45.55 
_refine.ls_d_res_high                            2.15 
_refine.ls_percent_reflns_obs                    95.67 
_refine.ls_R_factor_obs                          0.19591 
_refine.ls_R_factor_all                          ? 
_refine.ls_R_factor_R_work                       0.19255 
_refine.ls_R_factor_R_free                       0.27509 
_refine.ls_R_factor_R_free_error                 ? 
_refine.ls_R_factor_R_free_error_details         ? 
_refine.ls_percent_reflns_R_free                 4.3 
_refine.ls_number_reflns_R_free                  141 
_refine.ls_number_parameters                     ? 
_refine.ls_number_restraints                     ? 
_refine.occupancy_min                            ? 
_refine.occupancy_max                            ? 
_refine.correlation_coeff_Fo_to_Fc               0.954 
_refine.correlation_coeff_Fo_to_Fc_free          0.915 
_refine.B_iso_mean                               27.635 
_refine.aniso_B[1][1]                            -2.65 
_refine.aniso_B[2][2]                            5.79 
_refine.aniso_B[3][3]                            -3.13 
_refine.aniso_B[1][2]                            -0.00 
_refine.aniso_B[1][3]                            0.00 
_refine.aniso_B[2][3]                            0.00 
_refine.solvent_model_details                    MASK 
_refine.solvent_model_param_ksol                 ? 
_refine.solvent_model_param_bsol                 ? 
_refine.pdbx_solvent_vdw_probe_radii             1.40 
_refine.pdbx_solvent_ion_probe_radii             0.80 
_refine.pdbx_solvent_shrinkage_radii             0.80 
_refine.pdbx_ls_cross_valid_method               THROUGHOUT 
_refine.details                                  
;HYDROGENS HAVE BEEN ADDED IN THE RIDING POSITIONS
U VALUES      : REFINED INDIVIDUALLY
;
_refine.pdbx_starting_model                      'PDB ENTRY 2Z8Q' 
_refine.pdbx_method_to_determine_struct          'MOLECULAR REPLACEMENT' 
_refine.pdbx_isotropic_thermal_model             ? 
_refine.pdbx_stereochemistry_target_values       'MAXIMUM LIKELIHOOD' 
_refine.pdbx_stereochem_target_val_spec_case     ? 
_refine.pdbx_R_Free_selection_details            RANDOM 
_refine.pdbx_overall_ESU_R                       0.307 
_refine.pdbx_overall_ESU_R_Free                  0.251 
_refine.overall_SU_ML                            0.155 
_refine.pdbx_overall_phase_error                 ? 
_refine.overall_SU_B                             6.385 
_refine.overall_SU_R_Cruickshank_DPI             ? 
_refine.ls_redundancy_reflns_obs                 ? 
_refine.B_iso_min                                ? 
_refine.B_iso_max                                ? 
_refine.overall_SU_R_free                        ? 
_refine.ls_wR_factor_R_free                      ? 
_refine.ls_wR_factor_R_work                      ? 
_refine.overall_FOM_free_R_set                   ? 
_refine.overall_FOM_work_R_set                   ? 
_refine.pdbx_diffrn_id                           1 
_refine.pdbx_refine_id                           'X-RAY DIFFRACTION' 
_refine.pdbx_TLS_residual_ADP_flag               ? 
_refine.pdbx_overall_SU_R_free_Cruickshank_DPI   ? 
_refine.pdbx_overall_SU_R_Blow_DPI               ? 
_refine.pdbx_overall_SU_R_free_Blow_DPI          ? 
# 
_refine_hist.pdbx_refine_id                   'X-RAY DIFFRACTION' 
_refine_hist.cycle_id                         LAST 
_refine_hist.pdbx_number_atoms_protein        497 
_refine_hist.pdbx_number_atoms_nucleic_acid   0 
_refine_hist.pdbx_number_atoms_ligand         7 
_refine_hist.number_atoms_solvent             19 
_refine_hist.number_atoms_total               523 
_refine_hist.d_res_high                       2.15 
_refine_hist.d_res_low                        45.55 
# 
loop_
_refine_ls_restr.type 
_refine_ls_restr.dev_ideal 
_refine_ls_restr.dev_ideal_target 
_refine_ls_restr.weight 
_refine_ls_restr.number 
_refine_ls_restr.pdbx_restraint_function 
_refine_ls_restr.pdbx_refine_id 
r_bond_refined_d             0.023  0.021  ? 518 ? 'X-RAY DIFFRACTION' 
r_bond_other_d               ?      ?      ? ?   ? 'X-RAY DIFFRACTION' 
r_angle_refined_deg          3.077  2.006  ? 723 ? 'X-RAY DIFFRACTION' 
r_angle_other_deg            ?      ?      ? ?   ? 'X-RAY DIFFRACTION' 
r_dihedral_angle_1_deg       7.158  5.000  ? 64  ? 'X-RAY DIFFRACTION' 
r_dihedral_angle_2_deg       36.928 26.923 ? 26  ? 'X-RAY DIFFRACTION' 
r_dihedral_angle_3_deg       18.351 15.000 ? 83  ? 'X-RAY DIFFRACTION' 
r_dihedral_angle_4_deg       18.293 15.000 ? 1   ? 'X-RAY DIFFRACTION' 
r_chiral_restr               0.140  0.200  ? 77  ? 'X-RAY DIFFRACTION' 
r_gen_planes_refined         0.007  0.021  ? 392 ? 'X-RAY DIFFRACTION' 
r_gen_planes_other           ?      ?      ? ?   ? 'X-RAY DIFFRACTION' 
r_nbd_refined                ?      ?      ? ?   ? 'X-RAY DIFFRACTION' 
r_nbd_other                  ?      ?      ? ?   ? 'X-RAY DIFFRACTION' 
r_nbtor_refined              ?      ?      ? ?   ? 'X-RAY DIFFRACTION' 
r_nbtor_other                ?      ?      ? ?   ? 'X-RAY DIFFRACTION' 
r_xyhbond_nbd_refined        ?      ?      ? ?   ? 'X-RAY DIFFRACTION' 
r_xyhbond_nbd_other          ?      ?      ? ?   ? 'X-RAY DIFFRACTION' 
r_metal_ion_refined          ?      ?      ? ?   ? 'X-RAY DIFFRACTION' 
r_metal_ion_other            ?      ?      ? ?   ? 'X-RAY DIFFRACTION' 
r_symmetry_vdw_refined       ?      ?      ? ?   ? 'X-RAY DIFFRACTION' 
r_symmetry_vdw_other         ?      ?      ? ?   ? 'X-RAY DIFFRACTION' 
r_symmetry_hbond_refined     ?      ?      ? ?   ? 'X-RAY DIFFRACTION' 
r_symmetry_hbond_other       ?      ?      ? ?   ? 'X-RAY DIFFRACTION' 
r_symmetry_metal_ion_refined ?      ?      ? ?   ? 'X-RAY DIFFRACTION' 
r_symmetry_metal_ion_other   ?      ?      ? ?   ? 'X-RAY DIFFRACTION' 
r_mcbond_it                  0.980  1.500  ? 323 ? 'X-RAY DIFFRACTION' 
r_mcbond_other               ?      ?      ? ?   ? 'X-RAY DIFFRACTION' 
r_mcangle_it                 1.789  2.000  ? 515 ? 'X-RAY DIFFRACTION' 
r_scbond_it                  2.881  3.000  ? 195 ? 'X-RAY DIFFRACTION' 
r_scangle_it                 4.754  4.500  ? 181 ? 'X-RAY DIFFRACTION' 
r_rigid_bond_restr           ?      ?      ? ?   ? 'X-RAY DIFFRACTION' 
r_sphericity_free            ?      ?      ? ?   ? 'X-RAY DIFFRACTION' 
r_sphericity_bonded          ?      ?      ? ?   ? 'X-RAY DIFFRACTION' 
# 
_refine_ls_shell.pdbx_total_number_of_bins_used   20 
_refine_ls_shell.d_res_high                       2.15 
_refine_ls_shell.d_res_low                        2.210 
_refine_ls_shell.number_reflns_R_work             171 
_refine_ls_shell.R_factor_R_work                  0.231 
_refine_ls_shell.percent_reflns_obs               74.38 
_refine_ls_shell.R_factor_R_free                  0.286 
_refine_ls_shell.R_factor_R_free_error            ? 
_refine_ls_shell.percent_reflns_R_free            ? 
_refine_ls_shell.number_reflns_R_free             9 
_refine_ls_shell.number_reflns_all                ? 
_refine_ls_shell.R_factor_all                     ? 
_refine_ls_shell.number_reflns_obs                ? 
_refine_ls_shell.redundancy_reflns_obs            ? 
_refine_ls_shell.pdbx_refine_id                   'X-RAY DIFFRACTION' 
# 
_struct.entry_id                  4ID8 
_struct.title                     'The crystal structure of a [3Fe-4S] ferredoxin associated with CYP194A4 from R. palustris HaA2' 
_struct.pdbx_model_details        ? 
_struct.pdbx_CASP_flag            ? 
_struct.pdbx_model_type_details   ? 
# 
_struct_keywords.entry_id        4ID8 
_struct_keywords.pdbx_keywords   'ELECTRON TRANSPORT' 
_struct_keywords.text            '4Fe-4S single cluster domain, ELECTRON TRANSPORT' 
# 
loop_
_struct_asym.id 
_struct_asym.pdbx_blank_PDB_chainid_flag 
_struct_asym.pdbx_modified 
_struct_asym.entity_id 
_struct_asym.details 
A N N 1 ? 
B N N 2 ? 
C N N 3 ? 
# 
_struct_biol.id        1 
_struct_biol.details   ? 
# 
loop_
_struct_conf.conf_type_id 
_struct_conf.id 
_struct_conf.pdbx_PDB_helix_id 
_struct_conf.beg_label_comp_id 
_struct_conf.beg_label_asym_id 
_struct_conf.beg_label_seq_id 
_struct_conf.pdbx_beg_PDB_ins_code 
_struct_conf.end_label_comp_id 
_struct_conf.end_label_asym_id 
_struct_conf.end_label_seq_id 
_struct_conf.pdbx_end_PDB_ins_code 
_struct_conf.beg_auth_comp_id 
_struct_conf.beg_auth_asym_id 
_struct_conf.beg_auth_seq_id 
_struct_conf.end_auth_comp_id 
_struct_conf.end_auth_asym_id 
_struct_conf.end_auth_seq_id 
_struct_conf.pdbx_PDB_helix_class 
_struct_conf.details 
_struct_conf.pdbx_PDB_helix_length 
HELX_P HELX_P1 1 ALA A 18 ? ALA A 24 ? ALA A 18 ALA A 24 1 ? 7  
HELX_P HELX_P2 2 PRO A 45 ? ASP A 47 ? PRO A 45 ASP A 47 5 ? 3  
HELX_P HELX_P3 3 LEU A 48 ? CYS A 59 ? LEU A 48 CYS A 59 1 ? 12 
# 
_struct_conf_type.id          HELX_P 
_struct_conf_type.criteria    ? 
_struct_conf_type.reference   ? 
# 
loop_
_struct_conn.id 
_struct_conn.conn_type_id 
_struct_conn.pdbx_leaving_atom_flag 
_struct_conn.pdbx_PDB_id 
_struct_conn.ptnr1_label_asym_id 
_struct_conn.ptnr1_label_comp_id 
_struct_conn.ptnr1_label_seq_id 
_struct_conn.ptnr1_label_atom_id 
_struct_conn.pdbx_ptnr1_label_alt_id 
_struct_conn.pdbx_ptnr1_PDB_ins_code 
_struct_conn.pdbx_ptnr1_standard_comp_id 
_struct_conn.ptnr1_symmetry 
_struct_conn.ptnr2_label_asym_id 
_struct_conn.ptnr2_label_comp_id 
_struct_conn.ptnr2_label_seq_id 
_struct_conn.ptnr2_label_atom_id 
_struct_conn.pdbx_ptnr2_label_alt_id 
_struct_conn.pdbx_ptnr2_PDB_ins_code 
_struct_conn.ptnr1_auth_asym_id 
_struct_conn.ptnr1_auth_comp_id 
_struct_conn.ptnr1_auth_seq_id 
_struct_conn.ptnr2_auth_asym_id 
_struct_conn.ptnr2_auth_comp_id 
_struct_conn.ptnr2_auth_seq_id 
_struct_conn.ptnr2_symmetry 
_struct_conn.pdbx_ptnr3_label_atom_id 
_struct_conn.pdbx_ptnr3_label_seq_id 
_struct_conn.pdbx_ptnr3_label_comp_id 
_struct_conn.pdbx_ptnr3_label_asym_id 
_struct_conn.pdbx_ptnr3_label_alt_id 
_struct_conn.pdbx_ptnr3_PDB_ins_code 
_struct_conn.details 
_struct_conn.pdbx_dist_value 
_struct_conn.pdbx_value_order 
_struct_conn.pdbx_role 
metalc1 metalc ? ? A CYS 14 SG ? ? ? 1_555 B F3S . FE1 ? ? A CYS 14 A F3S 101 1_555 ? ? ? ? ? ? ? 2.313 ? ? 
metalc2 metalc ? ? A CYS 20 SG ? ? ? 1_555 B F3S . FE3 ? ? A CYS 20 A F3S 101 1_555 ? ? ? ? ? ? ? 2.252 ? ? 
metalc3 metalc ? ? A CYS 59 SG ? ? ? 1_555 B F3S . FE4 ? ? A CYS 59 A F3S 101 1_555 ? ? ? ? ? ? ? 2.191 ? ? 
# 
_struct_conn_type.id          metalc 
_struct_conn_type.criteria    ? 
_struct_conn_type.reference   ? 
# 
loop_
_struct_sheet.id 
_struct_sheet.type 
_struct_sheet.number_strands 
_struct_sheet.details 
A ? 2 ? 
B ? 2 ? 
# 
loop_
_struct_sheet_order.sheet_id 
_struct_sheet_order.range_id_1 
_struct_sheet_order.range_id_2 
_struct_sheet_order.offset 
_struct_sheet_order.sense 
A 1 2 ? anti-parallel 
B 1 2 ? anti-parallel 
# 
loop_
_struct_sheet_range.sheet_id 
_struct_sheet_range.id 
_struct_sheet_range.beg_label_comp_id 
_struct_sheet_range.beg_label_asym_id 
_struct_sheet_range.beg_label_seq_id 
_struct_sheet_range.pdbx_beg_PDB_ins_code 
_struct_sheet_range.end_label_comp_id 
_struct_sheet_range.end_label_asym_id 
_struct_sheet_range.end_label_seq_id 
_struct_sheet_range.pdbx_end_PDB_ins_code 
_struct_sheet_range.beg_auth_comp_id 
_struct_sheet_range.beg_auth_asym_id 
_struct_sheet_range.beg_auth_seq_id 
_struct_sheet_range.end_auth_comp_id 
_struct_sheet_range.end_auth_asym_id 
_struct_sheet_range.end_auth_seq_id 
A 1 THR A 6  ? VAL A 9  ? THR A 6  VAL A 9  
A 2 ILE A 64 ? THR A 67 ? ILE A 64 THR A 67 
B 1 PHE A 28 ? LEU A 30 ? PHE A 28 LEU A 30 
B 2 ALA A 36 ? GLU A 38 ? ALA A 36 GLU A 38 
# 
loop_
_pdbx_struct_sheet_hbond.sheet_id 
_pdbx_struct_sheet_hbond.range_id_1 
_pdbx_struct_sheet_hbond.range_id_2 
_pdbx_struct_sheet_hbond.range_1_label_atom_id 
_pdbx_struct_sheet_hbond.range_1_label_comp_id 
_pdbx_struct_sheet_hbond.range_1_label_asym_id 
_pdbx_struct_sheet_hbond.range_1_label_seq_id 
_pdbx_struct_sheet_hbond.range_1_PDB_ins_code 
_pdbx_struct_sheet_hbond.range_1_auth_atom_id 
_pdbx_struct_sheet_hbond.range_1_auth_comp_id 
_pdbx_struct_sheet_hbond.range_1_auth_asym_id 
_pdbx_struct_sheet_hbond.range_1_auth_seq_id 
_pdbx_struct_sheet_hbond.range_2_label_atom_id 
_pdbx_struct_sheet_hbond.range_2_label_comp_id 
_pdbx_struct_sheet_hbond.range_2_label_asym_id 
_pdbx_struct_sheet_hbond.range_2_label_seq_id 
_pdbx_struct_sheet_hbond.range_2_PDB_ins_code 
_pdbx_struct_sheet_hbond.range_2_auth_atom_id 
_pdbx_struct_sheet_hbond.range_2_auth_comp_id 
_pdbx_struct_sheet_hbond.range_2_auth_asym_id 
_pdbx_struct_sheet_hbond.range_2_auth_seq_id 
A 1 2 N HIS A 8  ? N HIS A 8  O ASP A 65 ? O ASP A 65 
B 1 2 N ASP A 29 ? N ASP A 29 O HIS A 37 ? O HIS A 37 
# 
_struct_site.id                   AC1 
_struct_site.pdbx_evidence_code   Software 
_struct_site.pdbx_auth_asym_id    A 
_struct_site.pdbx_auth_comp_id    F3S 
_struct_site.pdbx_auth_seq_id     101 
_struct_site.pdbx_auth_ins_code   ? 
_struct_site.pdbx_num_residues    8 
_struct_site.details              'BINDING SITE FOR RESIDUE F3S A 101' 
# 
loop_
_struct_site_gen.id 
_struct_site_gen.site_id 
_struct_site_gen.pdbx_num_res 
_struct_site_gen.label_comp_id 
_struct_site_gen.label_asym_id 
_struct_site_gen.label_seq_id 
_struct_site_gen.pdbx_auth_ins_code 
_struct_site_gen.auth_comp_id 
_struct_site_gen.auth_asym_id 
_struct_site_gen.auth_seq_id 
_struct_site_gen.label_atom_id 
_struct_site_gen.label_alt_id 
_struct_site_gen.symmetry 
_struct_site_gen.details 
1 AC1 8 CYS A 14 ? CYS A 14 . ? 1_555 ? 
2 AC1 8 GLN A 15 ? GLN A 15 . ? 1_555 ? 
3 AC1 8 GLY A 16 ? GLY A 16 . ? 1_555 ? 
4 AC1 8 HIS A 17 ? HIS A 17 . ? 1_555 ? 
5 AC1 8 ALA A 18 ? ALA A 18 . ? 1_555 ? 
6 AC1 8 ARG A 19 ? ARG A 19 . ? 1_555 ? 
7 AC1 8 CYS A 20 ? CYS A 20 . ? 1_555 ? 
8 AC1 8 CYS A 59 ? CYS A 59 . ? 1_555 ? 
# 
_atom_sites.entry_id                    4ID8 
_atom_sites.fract_transf_matrix[1][1]   0.03834213 
_atom_sites.fract_transf_matrix[1][2]   -0.01819286 
_atom_sites.fract_transf_matrix[1][3]   0.00568925 
_atom_sites.fract_transf_matrix[2][1]   0.00882204 
_atom_sites.fract_transf_matrix[2][2]   0.00745040 
_atom_sites.fract_transf_matrix[2][3]   -0.03563061 
_atom_sites.fract_transf_matrix[3][1]   0.00414698 
_atom_sites.fract_transf_matrix[3][2]   0.00969495 
_atom_sites.fract_transf_matrix[3][3]   0.00305401 
_atom_sites.fract_transf_vector[1]      -0.009175 
_atom_sites.fract_transf_vector[2]      0.276926 
_atom_sites.fract_transf_vector[3]      -0.121509 
# 
loop_
_atom_type.symbol 
C  
FE 
N  
O  
S  
# 
loop_
_atom_site.group_PDB 
_atom_site.id 
_atom_site.type_symbol 
_atom_site.label_atom_id 
_atom_site.label_alt_id 
_atom_site.label_comp_id 
_atom_site.label_asym_id 
_atom_site.label_entity_id 
_atom_site.label_seq_id 
_atom_site.pdbx_PDB_ins_code 
_atom_site.Cartn_x 
_atom_site.Cartn_y 
_atom_site.Cartn_z 
_atom_site.occupancy 
_atom_site.B_iso_or_equiv 
_atom_site.pdbx_formal_charge 
_atom_site.auth_seq_id 
_atom_site.auth_comp_id 
_atom_site.auth_asym_id 
_atom_site.auth_atom_id 
_atom_site.pdbx_PDB_model_num 
ATOM   1   N  N   . LEU A 1 5  ? -11.172 -3.955  -6.498  1.00 20.58 ? 5   LEU A N   1 
ATOM   2   C  CA  . LEU A 1 5  ? -10.043 -3.770  -5.476  1.00 22.03 ? 5   LEU A CA  1 
ATOM   3   C  C   . LEU A 1 5  ? -9.505  -2.358  -5.265  1.00 22.34 ? 5   LEU A C   1 
ATOM   4   O  O   . LEU A 1 5  ? -9.098  -1.693  -6.204  1.00 22.52 ? 5   LEU A O   1 
ATOM   5   C  CB  . LEU A 1 5  ? -8.850  -4.704  -5.674  1.00 22.68 ? 5   LEU A CB  1 
ATOM   6   C  CG  . LEU A 1 5  ? -8.988  -6.228  -5.801  1.00 24.69 ? 5   LEU A CG  1 
ATOM   7   C  CD1 . LEU A 1 5  ? -7.638  -6.764  -5.902  1.00 24.36 ? 5   LEU A CD1 1 
ATOM   8   C  CD2 . LEU A 1 5  ? -9.616  -6.820  -4.569  1.00 26.53 ? 5   LEU A CD2 1 
ATOM   9   N  N   . THR A 1 6  ? -9.520  -1.909  -4.003  1.00 23.96 ? 6   THR A N   1 
ATOM   10  C  CA  . THR A 1 6  ? -8.865  -0.642  -3.547  1.00 23.82 ? 6   THR A CA  1 
ATOM   11  C  C   . THR A 1 6  ? -7.909  -0.906  -2.372  1.00 24.69 ? 6   THR A C   1 
ATOM   12  O  O   . THR A 1 6  ? -8.062  -1.907  -1.647  1.00 25.08 ? 6   THR A O   1 
ATOM   13  C  CB  . THR A 1 6  ? -9.863  0.524   -3.218  1.00 23.23 ? 6   THR A CB  1 
ATOM   14  O  OG1 . THR A 1 6  ? -10.433 0.371   -1.915  1.00 23.79 ? 6   THR A OG1 1 
ATOM   15  C  CG2 . THR A 1 6  ? -10.977 0.613   -4.216  1.00 22.83 ? 6   THR A CG2 1 
ATOM   16  N  N   . ILE A 1 7  ? -6.922  -0.015  -2.211  1.00 25.31 ? 7   ILE A N   1 
ATOM   17  C  CA  . ILE A 1 7  ? -5.904  -0.100  -1.164  1.00 25.13 ? 7   ILE A CA  1 
ATOM   18  C  C   . ILE A 1 7  ? -6.088  1.002   -0.163  1.00 24.16 ? 7   ILE A C   1 
ATOM   19  O  O   . ILE A 1 7  ? -6.409  2.105   -0.548  1.00 24.49 ? 7   ILE A O   1 
ATOM   20  C  CB  . ILE A 1 7  ? -4.546  0.254   -1.695  1.00 25.83 ? 7   ILE A CB  1 
ATOM   21  C  CG1 . ILE A 1 7  ? -4.086  -0.662  -2.787  1.00 27.43 ? 7   ILE A CG1 1 
ATOM   22  C  CG2 . ILE A 1 7  ? -3.547  0.125   -0.587  1.00 27.46 ? 7   ILE A CG2 1 
ATOM   23  C  CD1 . ILE A 1 7  ? -3.415  -1.910  -2.209  1.00 28.54 ? 7   ILE A CD1 1 
ATOM   24  N  N   . HIS A 1 8  ? -5.852  0.720   1.106   1.00 22.89 ? 8   HIS A N   1 
ATOM   25  C  CA  . HIS A 1 8  ? -5.750  1.772   2.117   1.00 22.70 ? 8   HIS A CA  1 
ATOM   26  C  C   . HIS A 1 8  ? -4.586  1.520   3.057   1.00 21.74 ? 8   HIS A C   1 
ATOM   27  O  O   . HIS A 1 8  ? -4.390  0.413   3.518   1.00 22.66 ? 8   HIS A O   1 
ATOM   28  C  CB  . HIS A 1 8  ? -7.072  1.843   2.889   1.00 22.57 ? 8   HIS A CB  1 
ATOM   29  C  CG  . HIS A 1 8  ? -7.043  2.712   4.108   1.00 21.34 ? 8   HIS A CG  1 
ATOM   30  N  ND1 . HIS A 1 8  ? -6.817  4.074   4.054   1.00 19.88 ? 8   HIS A ND1 1 
ATOM   31  C  CD2 . HIS A 1 8  ? -7.264  2.415   5.412   1.00 20.41 ? 8   HIS A CD2 1 
ATOM   32  C  CE1 . HIS A 1 8  ? -6.848  4.565   5.288   1.00 22.12 ? 8   HIS A CE1 1 
ATOM   33  N  NE2 . HIS A 1 8  ? -7.109  3.576   6.130   1.00 21.58 ? 8   HIS A NE2 1 
ATOM   34  N  N   . VAL A 1 9  ? -3.820  2.546   3.386   1.00 21.90 ? 9   VAL A N   1 
ATOM   35  C  CA  . VAL A 1 9  ? -2.838  2.408   4.477   1.00 20.05 ? 9   VAL A CA  1 
ATOM   36  C  C   . VAL A 1 9  ? -3.355  3.053   5.714   1.00 21.26 ? 9   VAL A C   1 
ATOM   37  O  O   . VAL A 1 9  ? -3.695  4.228   5.708   1.00 23.32 ? 9   VAL A O   1 
ATOM   38  C  CB  . VAL A 1 9  ? -1.520  3.111   4.119   1.00 20.07 ? 9   VAL A CB  1 
ATOM   39  C  CG1 . VAL A 1 9  ? -0.488  2.912   5.223   1.00 16.77 ? 9   VAL A CG1 1 
ATOM   40  C  CG2 . VAL A 1 9  ? -1.017  2.644   2.755   1.00 16.22 ? 9   VAL A CG2 1 
ATOM   41  N  N   . ASP A 1 10 ? -3.398  2.333   6.810   1.00 22.34 ? 10  ASP A N   1 
ATOM   42  C  CA  . ASP A 1 10 ? -3.826  2.933   8.078   1.00 23.12 ? 10  ASP A CA  1 
ATOM   43  C  C   . ASP A 1 10 ? -2.668  3.731   8.661   1.00 24.11 ? 10  ASP A C   1 
ATOM   44  O  O   . ASP A 1 10 ? -1.622  3.184   8.975   1.00 23.79 ? 10  ASP A O   1 
ATOM   45  C  CB  . ASP A 1 10 ? -4.235  1.811   9.024   1.00 23.34 ? 10  ASP A CB  1 
ATOM   46  C  CG  . ASP A 1 10 ? -4.742  2.298   10.387  1.00 26.12 ? 10  ASP A CG  1 
ATOM   47  O  OD1 . ASP A 1 10 ? -5.542  1.549   10.979  1.00 29.33 ? 10  ASP A OD1 1 
ATOM   48  O  OD2 . ASP A 1 10 ? -4.346  3.368   10.896  1.00 26.69 ? 10  ASP A OD2 1 
ATOM   49  N  N   . GLN A 1 11 ? -2.856  5.023   8.822   1.00 25.53 ? 11  GLN A N   1 
ATOM   50  C  CA  . GLN A 1 11 ? -1.783  5.876   9.224   1.00 27.42 ? 11  GLN A CA  1 
ATOM   51  C  C   . GLN A 1 11 ? -1.305  5.589   10.630  1.00 29.23 ? 11  GLN A C   1 
ATOM   52  O  O   . GLN A 1 11 ? -0.128  5.781   10.950  1.00 28.50 ? 11  GLN A O   1 
ATOM   53  C  CB  . GLN A 1 11 ? -2.214  7.323   9.090   1.00 27.97 ? 11  GLN A CB  1 
ATOM   54  C  CG  . GLN A 1 11 ? -2.369  7.788   7.643   1.00 30.12 ? 11  GLN A CG  1 
ATOM   55  C  CD  . GLN A 1 11 ? -1.169  7.407   6.781   1.00 33.92 ? 11  GLN A CD  1 
ATOM   56  O  OE1 . GLN A 1 11 ? -0.065  7.901   6.961   1.00 36.76 ? 11  GLN A OE1 1 
ATOM   57  N  NE2 . GLN A 1 11 ? -1.390  6.518   5.837   1.00 36.56 ? 11  GLN A NE2 1 
ATOM   58  N  N   . ASP A 1 12 ? -2.206  5.123   11.490  1.00 31.21 ? 12  ASP A N   1 
ATOM   59  C  CA  . ASP A 1 12 ? -1.780  4.788   12.830  1.00 32.79 ? 12  ASP A CA  1 
ATOM   60  C  C   . ASP A 1 12 ? -0.882  3.550   12.926  1.00 32.16 ? 12  ASP A C   1 
ATOM   61  O  O   . ASP A 1 12 ? 0.084   3.529   13.718  1.00 31.46 ? 12  ASP A O   1 
ATOM   62  C  CB  . ASP A 1 12 ? -2.961  4.734   13.789  1.00 35.32 ? 12  ASP A CB  1 
ATOM   63  C  CG  . ASP A 1 12 ? -3.500  6.136   14.125  1.00 39.40 ? 12  ASP A CG  1 
ATOM   64  O  OD1 . ASP A 1 12 ? -2.688  7.055   14.368  1.00 43.03 ? 12  ASP A OD1 1 
ATOM   65  O  OD2 . ASP A 1 12 ? -4.746  6.317   14.142  1.00 47.22 ? 12  ASP A OD2 1 
ATOM   66  N  N   . LYS A 1 13 ? -1.162  2.559   12.089  1.00 30.87 ? 13  LYS A N   1 
ATOM   67  C  CA  . LYS A 1 13 ? -0.312  1.390   11.993  1.00 29.36 ? 13  LYS A CA  1 
ATOM   68  C  C   . LYS A 1 13 ? 1.013   1.597   11.249  1.00 28.23 ? 13  LYS A C   1 
ATOM   69  O  O   . LYS A 1 13 ? 2.018   1.071   11.670  1.00 29.34 ? 13  LYS A O   1 
ATOM   70  C  CB  . LYS A 1 13 ? -1.101  0.233   11.407  1.00 29.24 ? 13  LYS A CB  1 
ATOM   71  C  CG  . LYS A 1 13 ? -2.282  -0.127  12.271  1.00 31.99 ? 13  LYS A CG  1 
ATOM   72  C  CD  . LYS A 1 13 ? -3.277  -0.851  11.457  1.00 35.43 ? 13  LYS A CD  1 
ATOM   73  C  CE  . LYS A 1 13 ? -3.813  -2.037  12.194  1.00 41.12 ? 13  LYS A CE  1 
ATOM   74  N  NZ  . LYS A 1 13 ? -5.267  -1.925  12.465  1.00 41.92 ? 13  LYS A NZ  1 
ATOM   75  N  N   . CYS A 1 14 ? 1.038   2.366   10.164  1.00 26.46 ? 14  CYS A N   1 
ATOM   76  C  CA  . CYS A 1 14 ? 2.287   2.625   9.400   1.00 24.53 ? 14  CYS A CA  1 
ATOM   77  C  C   . CYS A 1 14 ? 3.459   3.101   10.259  1.00 23.73 ? 14  CYS A C   1 
ATOM   78  O  O   . CYS A 1 14 ? 3.347   4.086   10.930  1.00 24.51 ? 14  CYS A O   1 
ATOM   79  C  CB  . CYS A 1 14 ? 2.037   3.665   8.303   1.00 23.44 ? 14  CYS A CB  1 
ATOM   80  S  SG  . CYS A 1 14 ? 3.397   3.708   7.157   1.00 24.64 ? 14  CYS A SG  1 
ATOM   81  N  N   . GLN A 1 15 ? 4.582   2.404   10.235  1.00 23.81 ? 15  GLN A N   1 
ATOM   82  C  CA  . GLN A 1 15 ? 5.830   2.877   10.882  1.00 22.49 ? 15  GLN A CA  1 
ATOM   83  C  C   . GLN A 1 15 ? 6.925   3.203   9.822   1.00 20.89 ? 15  GLN A C   1 
ATOM   84  O  O   . GLN A 1 15 ? 8.120   3.215   10.119  1.00 19.55 ? 15  GLN A O   1 
ATOM   85  C  CB  . GLN A 1 15 ? 6.367   1.816   11.854  1.00 23.56 ? 15  GLN A CB  1 
ATOM   86  C  CG  . GLN A 1 15 ? 5.494   1.428   13.068  1.00 25.39 ? 15  GLN A CG  1 
ATOM   87  C  CD  . GLN A 1 15 ? 4.933   2.616   13.780  1.00 34.09 ? 15  GLN A CD  1 
ATOM   88  O  OE1 . GLN A 1 15 ? 3.749   2.633   14.122  1.00 38.91 ? 15  GLN A OE1 1 
ATOM   89  N  NE2 . GLN A 1 15 ? 5.752   3.644   13.984  1.00 33.82 ? 15  GLN A NE2 1 
ATOM   90  N  N   . GLY A 1 16 ? 6.504   3.446   8.589   1.00 20.11 ? 16  GLY A N   1 
ATOM   91  C  CA  . GLY A 1 16 ? 7.422   3.729   7.475   1.00 20.32 ? 16  GLY A CA  1 
ATOM   92  C  C   . GLY A 1 16 ? 8.543   2.776   7.102   1.00 20.52 ? 16  GLY A C   1 
ATOM   93  O  O   . GLY A 1 16 ? 9.668   3.219   6.779   1.00 20.44 ? 16  GLY A O   1 
ATOM   94  N  N   . HIS A 1 17 ? 8.277   1.465   7.145   1.00 21.02 ? 17  HIS A N   1 
ATOM   95  C  CA  . HIS A 1 17 ? 9.195   0.461   6.574   1.00 20.31 ? 17  HIS A CA  1 
ATOM   96  C  C   . HIS A 1 17 ? 9.505   0.676   5.107   1.00 20.95 ? 17  HIS A C   1 
ATOM   97  O  O   . HIS A 1 17 ? 10.618  0.402   4.677   1.00 21.88 ? 17  HIS A O   1 
ATOM   98  C  CB  . HIS A 1 17 ? 8.648   -0.931  6.808   1.00 20.97 ? 17  HIS A CB  1 
ATOM   99  C  CG  . HIS A 1 17 ? 8.666   -1.317  8.253   1.00 21.59 ? 17  HIS A CG  1 
ATOM   100 N  ND1 . HIS A 1 17 ? 7.611   -1.063  9.099   1.00 24.12 ? 17  HIS A ND1 1 
ATOM   101 C  CD2 . HIS A 1 17 ? 9.634   -1.872  9.013   1.00 21.47 ? 17  HIS A CD2 1 
ATOM   102 C  CE1 . HIS A 1 17 ? 7.905   -1.495  10.312  1.00 24.08 ? 17  HIS A CE1 1 
ATOM   103 N  NE2 . HIS A 1 17 ? 9.139   -1.963  10.294  1.00 24.26 ? 17  HIS A NE2 1 
ATOM   104 N  N   . ALA A 1 18 ? 8.527   1.194   4.369   1.00 21.27 ? 18  ALA A N   1 
ATOM   105 C  CA  . ALA A 1 18 ? 8.594   1.454   2.950   1.00 22.08 ? 18  ALA A CA  1 
ATOM   106 C  C   . ALA A 1 18 ? 8.667   0.197   2.049   1.00 22.16 ? 18  ALA A C   1 
ATOM   107 O  O   . ALA A 1 18 ? 9.049   0.308   0.874   1.00 21.31 ? 18  ALA A O   1 
ATOM   108 C  CB  . ALA A 1 18 ? 9.729   2.503   2.591   1.00 22.54 ? 18  ALA A CB  1 
ATOM   109 N  N   . ARG A 1 19 ? 8.274   -0.970  2.581   1.00 22.21 ? 19  ARG A N   1 
ATOM   110 C  CA  . ARG A 1 19 ? 8.288   -2.194  1.787   1.00 23.07 ? 19  ARG A CA  1 
ATOM   111 C  C   . ARG A 1 19 ? 7.236   -2.102  0.695   1.00 23.66 ? 19  ARG A C   1 
ATOM   112 O  O   . ARG A 1 19 ? 7.476   -2.530  -0.447  1.00 23.58 ? 19  ARG A O   1 
ATOM   113 C  CB  . ARG A 1 19 ? 8.031   -3.435  2.665   1.00 24.29 ? 19  ARG A CB  1 
ATOM   114 C  CG  . ARG A 1 19 ? 9.052   -3.650  3.832   1.00 23.89 ? 19  ARG A CG  1 
ATOM   115 C  CD  . ARG A 1 19 ? 9.073   -5.097  4.414   1.00 26.99 ? 19  ARG A CD  1 
ATOM   116 N  NE  . ARG A 1 19 ? 9.880   -6.017  3.588   1.00 32.31 ? 19  ARG A NE  1 
ATOM   117 C  CZ  . ARG A 1 19 ? 11.221  -6.019  3.488   1.00 32.16 ? 19  ARG A CZ  1 
ATOM   118 N  NH1 . ARG A 1 19 ? 11.964  -5.148  4.170   1.00 31.15 ? 19  ARG A NH1 1 
ATOM   119 N  NH2 . ARG A 1 19 ? 11.826  -6.887  2.671   1.00 32.43 ? 19  ARG A NH2 1 
ATOM   120 N  N   . CYS A 1 20 ? 6.071   -1.554  1.069   1.00 22.93 ? 20  CYS A N   1 
ATOM   121 C  CA  . CYS A 1 20 ? 4.957   -1.308  0.164   1.00 22.86 ? 20  CYS A CA  1 
ATOM   122 C  C   . CYS A 1 20 ? 5.407   -0.496  -1.057  1.00 23.93 ? 20  CYS A C   1 
ATOM   123 O  O   . CYS A 1 20 ? 5.040   -0.798  -2.211  1.00 23.05 ? 20  CYS A O   1 
ATOM   124 C  CB  . CYS A 1 20 ? 3.831   -0.546  0.894   1.00 22.65 ? 20  CYS A CB  1 
ATOM   125 S  SG  . CYS A 1 20 ? 4.339   1.031   1.696   1.00 20.21 ? 20  CYS A SG  1 
ATOM   126 N  N   . LYS A 1 21 ? 6.186   0.547   -0.783  1.00 24.62 ? 21  LYS A N   1 
ATOM   127 C  CA  . LYS A 1 21 ? 6.707   1.393   -1.814  1.00 25.31 ? 21  LYS A CA  1 
ATOM   128 C  C   . LYS A 1 21 ? 7.812   0.733   -2.636  1.00 26.47 ? 21  LYS A C   1 
ATOM   129 O  O   . LYS A 1 21 ? 7.868   0.939   -3.853  1.00 26.90 ? 21  LYS A O   1 
ATOM   130 C  CB  . LYS A 1 21 ? 7.125   2.748   -1.223  1.00 25.40 ? 21  LYS A CB  1 
ATOM   131 C  CG  . LYS A 1 21 ? 7.788   3.729   -2.239  1.00 25.44 ? 21  LYS A CG  1 
ATOM   132 C  CD  . LYS A 1 21 ? 6.777   4.563   -2.947  1.00 22.38 ? 21  LYS A CD  1 
ATOM   133 C  CE  . LYS A 1 21 ? 7.309   4.991   -4.275  1.00 21.56 ? 21  LYS A CE  1 
ATOM   134 N  NZ  . LYS A 1 21 ? 6.048   5.393   -4.902  1.00 23.10 ? 21  LYS A NZ  1 
ATOM   135 N  N   . ALA A 1 22 ? 8.690   -0.058  -2.024  1.00 27.20 ? 22  ALA A N   1 
ATOM   136 C  CA  . ALA A 1 22 ? 9.649   -0.818  -2.845  1.00 28.66 ? 22  ALA A CA  1 
ATOM   137 C  C   . ALA A 1 22 ? 9.003   -1.867  -3.728  1.00 29.26 ? 22  ALA A C   1 
ATOM   138 O  O   . ALA A 1 22 ? 9.530   -2.114  -4.760  1.00 30.74 ? 22  ALA A O   1 
ATOM   139 C  CB  . ALA A 1 22 ? 10.757  -1.474  -2.006  1.00 28.95 ? 22  ALA A CB  1 
ATOM   140 N  N   . LEU A 1 23 ? 7.906   -2.494  -3.310  1.00 29.65 ? 23  LEU A N   1 
ATOM   141 C  CA  . LEU A 1 23 ? 7.194   -3.547  -4.106  1.00 30.53 ? 23  LEU A CA  1 
ATOM   142 C  C   . LEU A 1 23 ? 6.230   -3.052  -5.176  1.00 29.94 ? 23  LEU A C   1 
ATOM   143 O  O   . LEU A 1 23 ? 6.081   -3.661  -6.218  1.00 30.21 ? 23  LEU A O   1 
ATOM   144 C  CB  . LEU A 1 23 ? 6.427   -4.546  -3.215  1.00 30.14 ? 23  LEU A CB  1 
ATOM   145 C  CG  . LEU A 1 23 ? 7.301   -5.294  -2.197  1.00 34.01 ? 23  LEU A CG  1 
ATOM   146 C  CD1 . LEU A 1 23 ? 6.489   -6.055  -1.197  1.00 35.22 ? 23  LEU A CD1 1 
ATOM   147 C  CD2 . LEU A 1 23 ? 8.391   -6.204  -2.855  1.00 34.31 ? 23  LEU A CD2 1 
ATOM   148 N  N   . ALA A 1 24 ? 5.555   -1.958  -4.883  1.00 29.15 ? 24  ALA A N   1 
ATOM   149 C  CA  . ALA A 1 24 ? 4.495   -1.502  -5.725  1.00 28.10 ? 24  ALA A CA  1 
ATOM   150 C  C   . ALA A 1 24 ? 4.543   0.014   -5.691  1.00 27.39 ? 24  ALA A C   1 
ATOM   151 O  O   . ALA A 1 24 ? 3.657   0.620   -5.098  1.00 27.17 ? 24  ALA A O   1 
ATOM   152 C  CB  . ALA A 1 24 ? 3.172   -2.029  -5.216  1.00 27.94 ? 24  ALA A CB  1 
ATOM   153 N  N   . PRO A 1 25 ? 5.595   0.609   -6.319  1.00 26.47 ? 25  PRO A N   1 
ATOM   154 C  CA  . PRO A 1 25 ? 5.828   2.043   -6.389  1.00 26.04 ? 25  PRO A CA  1 
ATOM   155 C  C   . PRO A 1 25 ? 4.628   2.730   -6.995  1.00 26.02 ? 25  PRO A C   1 
ATOM   156 O  O   . PRO A 1 25 ? 4.307   3.870   -6.663  1.00 25.31 ? 25  PRO A O   1 
ATOM   157 C  CB  . PRO A 1 25 ? 7.039   2.172   -7.338  1.00 25.86 ? 25  PRO A CB  1 
ATOM   158 C  CG  . PRO A 1 25 ? 7.562   0.822   -7.556  1.00 25.98 ? 25  PRO A CG  1 
ATOM   159 C  CD  . PRO A 1 25 ? 6.596   -0.166  -7.091  1.00 25.90 ? 25  PRO A CD  1 
ATOM   160 N  N   . GLU A 1 26 ? 3.948   1.992   -7.858  1.00 26.49 ? 26  GLU A N   1 
ATOM   161 C  CA  . GLU A 1 26 ? 2.797   2.446   -8.622  1.00 26.53 ? 26  GLU A CA  1 
ATOM   162 C  C   . GLU A 1 26 ? 1.581   2.636   -7.743  1.00 25.47 ? 26  GLU A C   1 
ATOM   163 O  O   . GLU A 1 26 ? 0.674   3.345   -8.111  1.00 26.71 ? 26  GLU A O   1 
ATOM   164 C  CB  . GLU A 1 26 ? 2.467   1.442   -9.757  1.00 27.05 ? 26  GLU A CB  1 
ATOM   165 C  CG  . GLU A 1 26 ? 3.661   1.004   -10.649 1.00 30.31 ? 26  GLU A CG  1 
ATOM   166 C  CD  . GLU A 1 26 ? 4.369   -0.313  -10.188 1.00 36.11 ? 26  GLU A CD  1 
ATOM   167 O  OE1 . GLU A 1 26 ? 4.134   -0.814  -9.057  1.00 32.18 ? 26  GLU A OE1 1 
ATOM   168 O  OE2 . GLU A 1 26 ? 5.178   -0.861  -10.985 1.00 39.13 ? 26  GLU A OE2 1 
ATOM   169 N  N   . LEU A 1 27 ? 1.560   2.033   -6.570  1.00 23.60 ? 27  LEU A N   1 
ATOM   170 C  CA  . LEU A 1 27 ? 0.364   2.016   -5.786  1.00 21.41 ? 27  LEU A CA  1 
ATOM   171 C  C   . LEU A 1 27 ? 0.414   2.849   -4.497  1.00 21.40 ? 27  LEU A C   1 
ATOM   172 O  O   . LEU A 1 27 ? -0.636  3.202   -3.970  1.00 21.72 ? 27  LEU A O   1 
ATOM   173 C  CB  . LEU A 1 27 ? 0.027   0.538   -5.470  1.00 22.05 ? 27  LEU A CB  1 
ATOM   174 C  CG  . LEU A 1 27 ? -0.501  -0.385  -6.578  1.00 21.70 ? 27  LEU A CG  1 
ATOM   175 C  CD1 . LEU A 1 27 ? -0.581  -1.790  -6.093  1.00 21.01 ? 27  LEU A CD1 1 
ATOM   176 C  CD2 . LEU A 1 27 ? -1.900  0.087   -7.048  1.00 21.24 ? 27  LEU A CD2 1 
ATOM   177 N  N   . PHE A 1 28 ? 1.617   3.094   -3.967  1.00 20.62 ? 28  PHE A N   1 
ATOM   178 C  CA  . PHE A 1 28 ? 1.858   3.879   -2.740  1.00 20.54 ? 28  PHE A CA  1 
ATOM   179 C  C   . PHE A 1 28 ? 2.752   5.088   -3.010  1.00 20.28 ? 28  PHE A C   1 
ATOM   180 O  O   . PHE A 1 28 ? 3.578   5.048   -3.898  1.00 19.47 ? 28  PHE A O   1 
ATOM   181 C  CB  . PHE A 1 28 ? 2.470   2.989   -1.677  1.00 19.25 ? 28  PHE A CB  1 
ATOM   182 C  CG  . PHE A 1 28 ? 1.671   1.710   -1.443  1.00 19.53 ? 28  PHE A CG  1 
ATOM   183 C  CD1 . PHE A 1 28 ? 0.693   1.657   -0.461  1.00 18.78 ? 28  PHE A CD1 1 
ATOM   184 C  CD2 . PHE A 1 28 ? 1.894   0.572   -2.217  1.00 16.40 ? 28  PHE A CD2 1 
ATOM   185 C  CE1 . PHE A 1 28 ? -0.053  0.497   -0.273  1.00 19.02 ? 28  PHE A CE1 1 
ATOM   186 C  CE2 . PHE A 1 28 ? 1.141   -0.560  -2.041  1.00 16.54 ? 28  PHE A CE2 1 
ATOM   187 C  CZ  . PHE A 1 28 ? 0.176   -0.609  -1.062  1.00 15.84 ? 28  PHE A CZ  1 
ATOM   188 N  N   . ASP A 1 29 ? 2.490   6.180   -2.304  1.00 21.04 ? 29  ASP A N   1 
ATOM   189 C  CA  . ASP A 1 29 ? 3.432   7.313   -2.184  1.00 21.11 ? 29  ASP A CA  1 
ATOM   190 C  C   . ASP A 1 29 ? 3.766   7.497   -0.731  1.00 20.95 ? 29  ASP A C   1 
ATOM   191 O  O   . ASP A 1 29 ? 2.977   7.240   0.149   1.00 20.09 ? 29  ASP A O   1 
ATOM   192 C  CB  . ASP A 1 29 ? 2.838   8.617   -2.692  1.00 20.52 ? 29  ASP A CB  1 
ATOM   193 C  CG  . ASP A 1 29 ? 2.835   8.698   -4.201  1.00 25.47 ? 29  ASP A CG  1 
ATOM   194 O  OD1 . ASP A 1 29 ? 3.772   8.179   -4.857  1.00 29.86 ? 29  ASP A OD1 1 
ATOM   195 O  OD2 . ASP A 1 29 ? 1.896   9.281   -4.765  1.00 31.21 ? 29  ASP A OD2 1 
ATOM   196 N  N   . LEU A 1 30 ? 4.978   7.933   -0.499  1.00 21.29 ? 30  LEU A N   1 
ATOM   197 C  CA  . LEU A 1 30 ? 5.464   8.227   0.840   1.00 21.15 ? 30  LEU A CA  1 
ATOM   198 C  C   . LEU A 1 30 ? 5.474   9.727   1.095   1.00 20.47 ? 30  LEU A C   1 
ATOM   199 O  O   . LEU A 1 30 ? 5.957   10.497  0.251   1.00 19.92 ? 30  LEU A O   1 
ATOM   200 C  CB  . LEU A 1 30 ? 6.897   7.719   0.982   1.00 19.43 ? 30  LEU A CB  1 
ATOM   201 C  CG  . LEU A 1 30 ? 7.132   6.261   0.773   1.00 21.08 ? 30  LEU A CG  1 
ATOM   202 C  CD1 . LEU A 1 30 ? 8.558   6.147   1.044   1.00 22.49 ? 30  LEU A CD1 1 
ATOM   203 C  CD2 . LEU A 1 30 ? 6.315   5.449   1.769   1.00 19.90 ? 30  LEU A CD2 1 
ATOM   204 N  N   . ASP A 1 31 ? 5.020   10.132  2.278   1.00 19.59 ? 31  ASP A N   1 
ATOM   205 C  CA  . ASP A 1 31 ? 5.152   11.551  2.662   1.00 20.76 ? 31  ASP A CA  1 
ATOM   206 C  C   . ASP A 1 31 ? 6.588   11.902  3.123   1.00 21.41 ? 31  ASP A C   1 
ATOM   207 O  O   . ASP A 1 31 ? 7.490   11.089  3.029   1.00 23.21 ? 31  ASP A O   1 
ATOM   208 C  CB  . ASP A 1 31 ? 4.093   11.984  3.662   1.00 19.40 ? 31  ASP A CB  1 
ATOM   209 C  CG  . ASP A 1 31 ? 4.275   11.355  5.011   1.00 20.07 ? 31  ASP A CG  1 
ATOM   210 O  OD1 . ASP A 1 31 ? 5.376   10.971  5.420   1.00 21.12 ? 31  ASP A OD1 1 
ATOM   211 O  OD2 . ASP A 1 31 ? 3.300   11.242  5.692   1.00 22.64 ? 31  ASP A OD2 1 
ATOM   212 N  N   . ASP A 1 32 ? 6.829   13.129  3.561   1.00 22.19 ? 32  ASP A N   1 
ATOM   213 C  CA  . ASP A 1 32 ? 8.187   13.532  3.902   1.00 20.43 ? 32  ASP A CA  1 
ATOM   214 C  C   . ASP A 1 32 ? 8.663   12.813  5.169   1.00 20.31 ? 32  ASP A C   1 
ATOM   215 O  O   . ASP A 1 32 ? 9.844   12.723  5.426   1.00 20.11 ? 32  ASP A O   1 
ATOM   216 C  CB  . ASP A 1 32 ? 8.254   15.038  4.112   1.00 20.98 ? 32  ASP A CB  1 
ATOM   217 C  CG  . ASP A 1 32 ? 8.282   15.849  2.824   1.00 23.52 ? 32  ASP A CG  1 
ATOM   218 O  OD1 . ASP A 1 32 ? 8.365   17.078  3.020   1.00 27.57 ? 32  ASP A OD1 1 
ATOM   219 O  OD2 . ASP A 1 32 ? 8.226   15.334  1.661   1.00 19.69 ? 32  ASP A OD2 1 
ATOM   220 N  N   . TYR A 1 33 ? 7.736   12.289  5.956   1.00 20.30 ? 33  TYR A N   1 
ATOM   221 C  CA  . TYR A 1 33 ? 8.089   11.591  7.210   1.00 20.20 ? 33  TYR A CA  1 
ATOM   222 C  C   . TYR A 1 33 ? 8.177   10.081  7.047   1.00 20.02 ? 33  TYR A C   1 
ATOM   223 O  O   . TYR A 1 33 ? 8.267   9.373   8.029   1.00 19.83 ? 33  TYR A O   1 
ATOM   224 C  CB  . TYR A 1 33 ? 7.128   11.993  8.324   1.00 18.56 ? 33  TYR A CB  1 
ATOM   225 C  CG  . TYR A 1 33 ? 7.080   13.476  8.355   1.00 20.74 ? 33  TYR A CG  1 
ATOM   226 C  CD1 . TYR A 1 33 ? 7.952   14.209  9.173   1.00 21.89 ? 33  TYR A CD1 1 
ATOM   227 C  CD2 . TYR A 1 33 ? 6.295   14.168  7.439   1.00 23.22 ? 33  TYR A CD2 1 
ATOM   228 C  CE1 . TYR A 1 33 ? 7.968   15.579  9.147   1.00 23.19 ? 33  TYR A CE1 1 
ATOM   229 C  CE2 . TYR A 1 33 ? 6.297   15.561  7.386   1.00 27.64 ? 33  TYR A CE2 1 
ATOM   230 C  CZ  . TYR A 1 33 ? 7.130   16.262  8.256   1.00 24.65 ? 33  TYR A CZ  1 
ATOM   231 O  OH  . TYR A 1 33 ? 7.107   17.614  8.211   1.00 22.19 ? 33  TYR A OH  1 
ATOM   232 N  N   . GLY A 1 34 ? 8.139   9.620   5.801   1.00 19.40 ? 34  GLY A N   1 
ATOM   233 C  CA  . GLY A 1 34 ? 8.238   8.214   5.490   1.00 20.00 ? 34  GLY A CA  1 
ATOM   234 C  C   . GLY A 1 34 ? 6.998   7.349   5.550   1.00 19.79 ? 34  GLY A C   1 
ATOM   235 O  O   . GLY A 1 34 ? 7.089   6.142   5.351   1.00 20.34 ? 34  GLY A O   1 
ATOM   236 N  N   . ASN A 1 35 ? 5.847   7.947   5.803   1.00 20.20 ? 35  ASN A N   1 
ATOM   237 C  CA  . ASN A 1 35 ? 4.603   7.190   5.890   1.00 20.43 ? 35  ASN A CA  1 
ATOM   238 C  C   . ASN A 1 35 ? 3.963   7.013   4.547   1.00 20.26 ? 35  ASN A C   1 
ATOM   239 O  O   . ASN A 1 35 ? 4.036   7.907   3.674   1.00 18.80 ? 35  ASN A O   1 
ATOM   240 C  CB  . ASN A 1 35 ? 3.633   7.888   6.814   1.00 21.41 ? 35  ASN A CB  1 
ATOM   241 C  CG  . ASN A 1 35 ? 4.137   7.950   8.228   1.00 23.53 ? 35  ASN A CG  1 
ATOM   242 O  OD1 . ASN A 1 35 ? 4.184   6.947   8.927   1.00 29.44 ? 35  ASN A OD1 1 
ATOM   243 N  ND2 . ASN A 1 35 ? 4.508   9.124   8.658   1.00 26.88 ? 35  ASN A ND2 1 
ATOM   244 N  N   . ALA A 1 36 ? 3.364   5.848   4.369   1.00 20.03 ? 36  ALA A N   1 
ATOM   245 C  CA  . ALA A 1 36 ? 2.769   5.521   3.097   1.00 20.73 ? 36  ALA A CA  1 
ATOM   246 C  C   . ALA A 1 36 ? 1.271   5.876   3.046   1.00 21.27 ? 36  ALA A C   1 
ATOM   247 O  O   . ALA A 1 36 ? 0.570   5.912   4.070   1.00 21.48 ? 36  ALA A O   1 
ATOM   248 C  CB  . ALA A 1 36 ? 2.999   4.082   2.758   1.00 20.05 ? 36  ALA A CB  1 
ATOM   249 N  N   . HIS A 1 37 ? 0.793   6.152   1.839   1.00 21.46 ? 37  HIS A N   1 
ATOM   250 C  CA  . HIS A 1 37 ? -0.623  6.328   1.605   1.00 23.23 ? 37  HIS A CA  1 
ATOM   251 C  C   . HIS A 1 37 ? -0.964  5.883   0.174   1.00 23.39 ? 37  HIS A C   1 
ATOM   252 O  O   . HIS A 1 37 ? -0.103  5.966   -0.717  1.00 23.84 ? 37  HIS A O   1 
ATOM   253 C  CB  . HIS A 1 37 ? -1.076  7.777   1.909   1.00 22.68 ? 37  HIS A CB  1 
ATOM   254 C  CG  . HIS A 1 37 ? -0.289  8.811   1.192   1.00 27.20 ? 37  HIS A CG  1 
ATOM   255 N  ND1 . HIS A 1 37 ? 0.707   9.546   1.806   1.00 29.93 ? 37  HIS A ND1 1 
ATOM   256 C  CD2 . HIS A 1 37 ? -0.338  9.241   -0.103  1.00 32.14 ? 37  HIS A CD2 1 
ATOM   257 C  CE1 . HIS A 1 37 ? 1.238   10.385  0.915   1.00 35.03 ? 37  HIS A CE1 1 
ATOM   258 N  NE2 . HIS A 1 37 ? 0.618   10.226  -0.248  1.00 32.07 ? 37  HIS A NE2 1 
ATOM   259 N  N   . GLU A 1 38 ? -2.200  5.395   -0.035  1.00 23.88 ? 38  GLU A N   1 
ATOM   260 C  CA  . GLU A 1 38 ? -2.693  5.074   -1.373  1.00 24.94 ? 38  GLU A CA  1 
ATOM   261 C  C   . GLU A 1 38 ? -2.681  6.279   -2.314  1.00 26.55 ? 38  GLU A C   1 
ATOM   262 O  O   . GLU A 1 38 ? -2.835  7.387   -1.921  1.00 25.39 ? 38  GLU A O   1 
ATOM   263 C  CB  . GLU A 1 38 ? -4.081  4.453   -1.338  1.00 23.64 ? 38  GLU A CB  1 
ATOM   264 C  CG  . GLU A 1 38 ? -5.114  5.293   -0.618  1.00 21.58 ? 38  GLU A CG  1 
ATOM   265 C  CD  . GLU A 1 38 ? -5.130  5.006   0.875   1.00 20.95 ? 38  GLU A CD  1 
ATOM   266 O  OE1 . GLU A 1 38 ? -4.034  4.692   1.409   1.00 19.77 ? 38  GLU A OE1 1 
ATOM   267 O  OE2 . GLU A 1 38 ? -6.220  5.098   1.516   1.00 18.48 ? 38  GLU A OE2 1 
ATOM   268 N  N   . LYS A 1 39 ? -2.551  6.012   -3.597  1.00 29.75 ? 39  LYS A N   1 
ATOM   269 C  CA  . LYS A 1 39 ? -2.053  6.976   -4.576  1.00 31.93 ? 39  LYS A CA  1 
ATOM   270 C  C   . LYS A 1 39 ? -3.185  7.178   -5.577  1.00 34.51 ? 39  LYS A C   1 
ATOM   271 O  O   . LYS A 1 39 ? -3.895  6.239   -5.913  1.00 34.88 ? 39  LYS A O   1 
ATOM   272 C  CB  . LYS A 1 39 ? -0.807  6.334   -5.199  1.00 31.55 ? 39  LYS A CB  1 
ATOM   273 C  CG  . LYS A 1 39 ? 0.033   7.081   -6.182  1.00 33.25 ? 39  LYS A CG  1 
ATOM   274 C  CD  . LYS A 1 39 ? 1.076   6.146   -6.751  1.00 32.81 ? 39  LYS A CD  1 
ATOM   275 C  CE  . LYS A 1 39 ? 2.240   6.851   -7.413  1.00 37.78 ? 39  LYS A CE  1 
ATOM   276 N  NZ  . LYS A 1 39 ? 2.275   6.759   -8.934  1.00 42.25 ? 39  LYS A NZ  1 
ATOM   277 N  N   . GLY A 1 40 ? -3.420  8.430   -5.983  1.00 37.60 ? 40  GLY A N   1 
ATOM   278 C  CA  . GLY A 1 40 ? -4.460  8.753   -6.966  1.00 38.51 ? 40  GLY A CA  1 
ATOM   279 C  C   . GLY A 1 40 ? -5.810  8.106   -6.701  1.00 39.40 ? 40  GLY A C   1 
ATOM   280 O  O   . GLY A 1 40 ? -6.525  8.486   -5.759  1.00 40.01 ? 40  GLY A O   1 
ATOM   281 N  N   . ASP A 1 41 ? -6.143  7.140   -7.555  1.00 38.51 ? 41  ASP A N   1 
ATOM   282 C  CA  . ASP A 1 41 ? -7.309  6.287   -7.408  1.00 38.21 ? 41  ASP A CA  1 
ATOM   283 C  C   . ASP A 1 41 ? -7.550  5.500   -6.113  1.00 37.01 ? 41  ASP A C   1 
ATOM   284 O  O   . ASP A 1 41 ? -8.683  5.348   -5.652  1.00 35.87 ? 41  ASP A O   1 
ATOM   285 C  CB  . ASP A 1 41 ? -7.232  5.234   -8.507  1.00 38.86 ? 41  ASP A CB  1 
ATOM   286 C  CG  . ASP A 1 41 ? -8.276  5.418   -9.460  1.00 39.94 ? 41  ASP A CG  1 
ATOM   287 O  OD1 . ASP A 1 41 ? -9.104  6.288   -9.166  1.00 44.19 ? 41  ASP A OD1 1 
ATOM   288 O  OD2 . ASP A 1 41 ? -8.290  4.736   -10.471 1.00 43.22 ? 41  ASP A OD2 1 
ATOM   289 N  N   . GLY A 1 42 ? -6.487  4.914   -5.595  1.00 35.98 ? 42  GLY A N   1 
ATOM   290 C  CA  . GLY A 1 42 ? -6.637  3.782   -4.715  1.00 35.57 ? 42  GLY A CA  1 
ATOM   291 C  C   . GLY A 1 42 ? -7.012  2.495   -5.424  1.00 35.03 ? 42  GLY A C   1 
ATOM   292 O  O   . GLY A 1 42 ? -6.696  1.437   -4.897  1.00 36.08 ? 42  GLY A O   1 
ATOM   293 N  N   . VAL A 1 43 ? -7.683  2.575   -6.587  1.00 34.39 ? 43  VAL A N   1 
ATOM   294 C  CA  . VAL A 1 43 ? -8.125  1.389   -7.402  1.00 33.93 ? 43  VAL A CA  1 
ATOM   295 C  C   . VAL A 1 43 ? -6.947  0.605   -8.023  1.00 33.24 ? 43  VAL A C   1 
ATOM   296 O  O   . VAL A 1 43 ? -6.031  1.200   -8.609  1.00 34.80 ? 43  VAL A O   1 
ATOM   297 C  CB  . VAL A 1 43 ? -9.070  1.778   -8.612  1.00 33.58 ? 43  VAL A CB  1 
ATOM   298 C  CG1 . VAL A 1 43 ? -9.263  0.600   -9.512  1.00 33.52 ? 43  VAL A CG1 1 
ATOM   299 C  CG2 . VAL A 1 43 ? -10.363 2.175   -8.153  1.00 33.60 ? 43  VAL A CG2 1 
ATOM   300 N  N   . VAL A 1 44 ? -6.981  -0.712  -7.946  1.00 30.81 ? 44  VAL A N   1 
ATOM   301 C  CA  . VAL A 1 44 ? -5.838  -1.490  -8.333  1.00 27.91 ? 44  VAL A CA  1 
ATOM   302 C  C   . VAL A 1 44 ? -6.046  -2.022  -9.748  1.00 27.22 ? 44  VAL A C   1 
ATOM   303 O  O   . VAL A 1 44 ? -7.007  -2.731  -9.978  1.00 26.88 ? 44  VAL A O   1 
ATOM   304 C  CB  . VAL A 1 44 ? -5.671  -2.652  -7.378  1.00 27.83 ? 44  VAL A CB  1 
ATOM   305 C  CG1 . VAL A 1 44 ? -4.606  -3.558  -7.880  1.00 27.46 ? 44  VAL A CG1 1 
ATOM   306 C  CG2 . VAL A 1 44 ? -5.379  -2.146  -5.937  1.00 26.47 ? 44  VAL A CG2 1 
ATOM   307 N  N   . PRO A 1 45 ? -5.171  -1.649  -10.711 1.00 26.31 ? 45  PRO A N   1 
ATOM   308 C  CA  . PRO A 1 45 ? -5.281  -2.149  -12.071 1.00 25.66 ? 45  PRO A CA  1 
ATOM   309 C  C   . PRO A 1 45 ? -4.944  -3.636  -12.178 1.00 25.17 ? 45  PRO A C   1 
ATOM   310 O  O   . PRO A 1 45 ? -4.191  -4.158  -11.344 1.00 23.93 ? 45  PRO A O   1 
ATOM   311 C  CB  . PRO A 1 45 ? -4.247  -1.345  -12.843 1.00 25.47 ? 45  PRO A CB  1 
ATOM   312 C  CG  . PRO A 1 45 ? -3.518  -0.641  -11.952 1.00 25.82 ? 45  PRO A CG  1 
ATOM   313 C  CD  . PRO A 1 45 ? -4.101  -0.659  -10.598 1.00 25.89 ? 45  PRO A CD  1 
ATOM   314 N  N   . ALA A 1 46 ? -5.512  -4.285  -13.212 1.00 24.88 ? 46  ALA A N   1 
ATOM   315 C  CA  . ALA A 1 46 ? -5.427  -5.746  -13.430 1.00 23.85 ? 46  ALA A CA  1 
ATOM   316 C  C   . ALA A 1 46 ? -3.985  -6.201  -13.330 1.00 23.40 ? 46  ALA A C   1 
ATOM   317 O  O   . ALA A 1 46 ? -3.676  -7.163  -12.647 1.00 22.82 ? 46  ALA A O   1 
ATOM   318 C  CB  . ALA A 1 46 ? -6.042  -6.108  -14.774 1.00 23.75 ? 46  ALA A CB  1 
ATOM   319 N  N   . ASP A 1 47 ? -3.077  -5.457  -13.948 1.00 24.14 ? 47  ASP A N   1 
ATOM   320 C  CA  . ASP A 1 47 ? -1.635  -5.764  -13.880 1.00 24.28 ? 47  ASP A CA  1 
ATOM   321 C  C   . ASP A 1 47 ? -0.904  -5.526  -12.555 1.00 23.88 ? 47  ASP A C   1 
ATOM   322 O  O   . ASP A 1 47 ? 0.247   -5.915  -12.413 1.00 23.87 ? 47  ASP A O   1 
ATOM   323 C  CB  . ASP A 1 47 ? -0.899  -5.065  -14.993 1.00 25.32 ? 47  ASP A CB  1 
ATOM   324 C  CG  . ASP A 1 47 ? -0.858  -3.555  -14.810 1.00 28.08 ? 47  ASP A CG  1 
ATOM   325 O  OD1 . ASP A 1 47 ? -1.720  -2.965  -14.113 1.00 26.07 ? 47  ASP A OD1 1 
ATOM   326 O  OD2 . ASP A 1 47 ? 0.074   -2.963  -15.362 1.00 30.13 ? 47  ASP A OD2 1 
ATOM   327 N  N   . LEU A 1 48 ? -1.563  -4.951  -11.559 1.00 23.59 ? 48  LEU A N   1 
ATOM   328 C  CA  . LEU A 1 48 ? -0.890  -4.744  -10.290 1.00 23.71 ? 48  LEU A CA  1 
ATOM   329 C  C   . LEU A 1 48 ? -1.584  -5.451  -9.161  1.00 24.15 ? 48  LEU A C   1 
ATOM   330 O  O   . LEU A 1 48 ? -1.332  -5.147  -8.023  1.00 24.25 ? 48  LEU A O   1 
ATOM   331 C  CB  . LEU A 1 48 ? -0.794  -3.253  -9.981  1.00 23.40 ? 48  LEU A CB  1 
ATOM   332 C  CG  . LEU A 1 48 ? 0.036   -2.451  -10.981 1.00 24.14 ? 48  LEU A CG  1 
ATOM   333 C  CD1 . LEU A 1 48 ? -0.075  -1.002  -10.637 1.00 22.65 ? 48  LEU A CD1 1 
ATOM   334 C  CD2 . LEU A 1 48 ? 1.483   -2.901  -10.974 1.00 22.42 ? 48  LEU A CD2 1 
ATOM   335 N  N   . ILE A 1 49 ? -2.478  -6.385  -9.472  1.00 25.22 ? 49  ILE A N   1 
ATOM   336 C  CA  . ILE A 1 49 ? -3.356  -7.013  -8.463  1.00 25.41 ? 49  ILE A CA  1 
ATOM   337 C  C   . ILE A 1 49 ? -2.527  -7.872  -7.556  1.00 25.33 ? 49  ILE A C   1 
ATOM   338 O  O   . ILE A 1 49 ? -2.705  -7.894  -6.341  1.00 24.82 ? 49  ILE A O   1 
ATOM   339 C  CB  . ILE A 1 49 ? -4.578  -7.754  -9.120  1.00 26.29 ? 49  ILE A CB  1 
ATOM   340 C  CG1 . ILE A 1 49 ? -5.710  -6.730  -9.403  1.00 28.37 ? 49  ILE A CG1 1 
ATOM   341 C  CG2 . ILE A 1 49 ? -5.106  -8.883  -8.233  1.00 24.65 ? 49  ILE A CG2 1 
ATOM   342 C  CD1 . ILE A 1 49 ? -6.940  -7.256  -10.214 1.00 30.32 ? 49  ILE A CD1 1 
ATOM   343 N  N   . ASP A 1 50 ? -1.567  -8.550  -8.152  1.00 26.86 ? 50  ASP A N   1 
ATOM   344 C  CA  . ASP A 1 50 ? -0.644  -9.383  -7.401  1.00 28.31 ? 50  ASP A CA  1 
ATOM   345 C  C   . ASP A 1 50 ? 0.341   -8.594  -6.537  1.00 27.91 ? 50  ASP A C   1 
ATOM   346 O  O   . ASP A 1 50 ? 0.657   -9.030  -5.429  1.00 28.60 ? 50  ASP A O   1 
ATOM   347 C  CB  . ASP A 1 50 ? 0.153   -10.303 -8.345  1.00 29.67 ? 50  ASP A CB  1 
ATOM   348 C  CG  . ASP A 1 50 ? -0.687  -11.457 -8.922  1.00 32.39 ? 50  ASP A CG  1 
ATOM   349 O  OD1 . ASP A 1 50 ? -1.776  -11.775 -8.350  1.00 33.55 ? 50  ASP A OD1 1 
ATOM   350 O  OD2 . ASP A 1 50 ? -0.218  -12.018 -9.948  1.00 36.47 ? 50  ASP A OD2 1 
ATOM   351 N  N   . LYS A 1 51 ? 0.840   -7.474  -7.033  1.00 25.96 ? 51  LYS A N   1 
ATOM   352 C  CA  . LYS A 1 51 ? 1.730   -6.651  -6.228  1.00 25.54 ? 51  LYS A CA  1 
ATOM   353 C  C   . LYS A 1 51 ? 1.039   -6.001  -5.058  1.00 24.50 ? 51  LYS A C   1 
ATOM   354 O  O   . LYS A 1 51 ? 1.628   -5.685  -4.064  1.00 26.15 ? 51  LYS A O   1 
ATOM   355 C  CB  . LYS A 1 51 ? 2.282   -5.571  -7.112  1.00 25.39 ? 51  LYS A CB  1 
ATOM   356 C  CG  . LYS A 1 51 ? 3.258   -6.121  -8.061  1.00 27.87 ? 51  LYS A CG  1 
ATOM   357 C  CD  . LYS A 1 51 ? 3.585   -5.109  -9.128  1.00 35.79 ? 51  LYS A CD  1 
ATOM   358 C  CE  . LYS A 1 51 ? 4.513   -5.714  -10.220 1.00 39.47 ? 51  LYS A CE  1 
ATOM   359 N  NZ  . LYS A 1 51 ? 5.397   -6.788  -9.623  1.00 41.81 ? 51  LYS A NZ  1 
ATOM   360 N  N   . ALA A 1 52 ? -0.228  -5.728  -5.229  1.00 23.73 ? 52  ALA A N   1 
ATOM   361 C  CA  . ALA A 1 52 ? -1.085  -5.311  -4.184  1.00 22.87 ? 52  ALA A CA  1 
ATOM   362 C  C   . ALA A 1 52 ? -1.120  -6.296  -3.006  1.00 22.87 ? 52  ALA A C   1 
ATOM   363 O  O   . ALA A 1 52 ? -0.734  -5.949  -1.903  1.00 22.57 ? 52  ALA A O   1 
ATOM   364 C  CB  . ALA A 1 52 ? -2.483  -5.080  -4.765  1.00 23.52 ? 52  ALA A CB  1 
ATOM   365 N  N   . TRP A 1 53 ? -1.586  -7.508  -3.248  1.00 22.42 ? 53  TRP A N   1 
ATOM   366 C  CA  . TRP A 1 53 ? -1.623  -8.543  -2.214  1.00 23.97 ? 53  TRP A CA  1 
ATOM   367 C  C   . TRP A 1 53 ? -0.260  -8.819  -1.576  1.00 24.75 ? 53  TRP A C   1 
ATOM   368 O  O   . TRP A 1 53 ? -0.186  -9.183  -0.409  1.00 25.83 ? 53  TRP A O   1 
ATOM   369 C  CB  . TRP A 1 53 ? -2.207  -9.847  -2.752  1.00 22.95 ? 53  TRP A CB  1 
ATOM   370 C  CG  . TRP A 1 53 ? -3.662  -9.775  -3.059  1.00 23.32 ? 53  TRP A CG  1 
ATOM   371 C  CD1 . TRP A 1 53 ? -4.215  -9.857  -4.282  1.00 20.89 ? 53  TRP A CD1 1 
ATOM   372 C  CD2 . TRP A 1 53 ? -4.748  -9.601  -2.128  1.00 23.90 ? 53  TRP A CD2 1 
ATOM   373 N  NE1 . TRP A 1 53 ? -5.575  -9.751  -4.198  1.00 23.17 ? 53  TRP A NE1 1 
ATOM   374 C  CE2 . TRP A 1 53 ? -5.938  -9.580  -2.888  1.00 25.88 ? 53  TRP A CE2 1 
ATOM   375 C  CE3 . TRP A 1 53 ? -4.827  -9.449  -0.737  1.00 26.12 ? 53  TRP A CE3 1 
ATOM   376 C  CZ2 . TRP A 1 53 ? -7.223  -9.421  -2.308  1.00 23.92 ? 53  TRP A CZ2 1 
ATOM   377 C  CZ3 . TRP A 1 53 ? -6.120  -9.292  -0.143  1.00 27.70 ? 53  TRP A CZ3 1 
ATOM   378 C  CH2 . TRP A 1 53 ? -7.286  -9.266  -0.947  1.00 27.47 ? 53  TRP A CH2 1 
ATOM   379 N  N   . LEU A 1 54 ? 0.809   -8.649  -2.339  1.00 26.19 ? 54  LEU A N   1 
ATOM   380 C  CA  . LEU A 1 54 ? 2.176   -8.784  -1.808  1.00 27.81 ? 54  LEU A CA  1 
ATOM   381 C  C   . LEU A 1 54 ? 2.563   -7.676  -0.863  1.00 27.14 ? 54  LEU A C   1 
ATOM   382 O  O   . LEU A 1 54 ? 3.096   -7.968  0.194   1.00 27.39 ? 54  LEU A O   1 
ATOM   383 C  CB  . LEU A 1 54 ? 3.222   -8.867  -2.914  1.00 27.79 ? 54  LEU A CB  1 
ATOM   384 C  CG  . LEU A 1 54 ? 2.851   -10.073 -3.729  1.00 32.74 ? 54  LEU A CG  1 
ATOM   385 C  CD1 . LEU A 1 54 ? 3.652   -10.106 -5.069  1.00 39.94 ? 54  LEU A CD1 1 
ATOM   386 C  CD2 . LEU A 1 54 ? 2.949   -11.398 -2.907  1.00 34.59 ? 54  LEU A CD2 1 
ATOM   387 N  N   . ALA A 1 55 ? 2.315   -6.426  -1.273  1.00 25.94 ? 55  ALA A N   1 
ATOM   388 C  CA  . ALA A 1 55 ? 2.568   -5.288  -0.422  1.00 24.88 ? 55  ALA A CA  1 
ATOM   389 C  C   . ALA A 1 55 ? 1.834   -5.497  0.900   1.00 25.04 ? 55  ALA A C   1 
ATOM   390 O  O   . ALA A 1 55 ? 2.421   -5.395  1.998   1.00 24.30 ? 55  ALA A O   1 
ATOM   391 C  CB  . ALA A 1 55 ? 2.178   -3.985  -1.114  1.00 23.84 ? 55  ALA A CB  1 
ATOM   392 N  N   . LYS A 1 56 ? 0.568   -5.879  0.822   1.00 25.55 ? 56  LYS A N   1 
ATOM   393 C  CA  . LYS A 1 56 ? -0.200  -6.114  2.058   1.00 25.33 ? 56  LYS A CA  1 
ATOM   394 C  C   . LYS A 1 56 ? 0.401   -7.246  2.889   1.00 26.12 ? 56  LYS A C   1 
ATOM   395 O  O   . LYS A 1 56 ? 0.477   -7.125  4.090   1.00 24.70 ? 56  LYS A O   1 
ATOM   396 C  CB  . LYS A 1 56 ? -1.653  -6.377  1.732   1.00 25.79 ? 56  LYS A CB  1 
ATOM   397 C  CG  . LYS A 1 56 ? -2.550  -6.805  2.866   1.00 27.25 ? 56  LYS A CG  1 
ATOM   398 C  CD  . LYS A 1 56 ? -3.929  -7.107  2.314   1.00 28.88 ? 56  LYS A CD  1 
ATOM   399 C  CE  . LYS A 1 56 ? -4.728  -7.854  3.326   1.00 32.82 ? 56  LYS A CE  1 
ATOM   400 N  NZ  . LYS A 1 56 ? -4.733  -7.128  4.630   1.00 36.77 ? 56  LYS A NZ  1 
ATOM   401 N  N   . SER A 1 57 ? 0.856   -8.329  2.248   1.00 27.69 ? 57  SER A N   1 
ATOM   402 C  CA  . SER A 1 57 ? 1.369   -9.464  2.999   1.00 29.13 ? 57  SER A CA  1 
ATOM   403 C  C   . SER A 1 57 ? 2.667   -9.076  3.702   1.00 29.78 ? 57  SER A C   1 
ATOM   404 O  O   . SER A 1 57 ? 2.899   -9.427  4.875   1.00 29.61 ? 57  SER A O   1 
ATOM   405 C  CB  . SER A 1 57 ? 1.639   -10.615 2.063   1.00 29.18 ? 57  SER A CB  1 
ATOM   406 O  OG  . SER A 1 57 ? 2.073   -11.749 2.809   1.00 31.96 ? 57  SER A OG  1 
ATOM   407 N  N   . ASN A 1 58 ? 3.485   -8.323  2.955   1.00 30.19 ? 58  ASN A N   1 
ATOM   408 C  CA  . ASN A 1 58 ? 4.801   -7.835  3.375   1.00 30.41 ? 58  ASN A CA  1 
ATOM   409 C  C   . ASN A 1 58 ? 4.932   -6.706  4.424   1.00 29.14 ? 58  ASN A C   1 
ATOM   410 O  O   . ASN A 1 58 ? 5.980   -6.599  5.068   1.00 29.04 ? 58  ASN A O   1 
ATOM   411 C  CB  . ASN A 1 58 ? 5.608   -7.487  2.142   1.00 30.59 ? 58  ASN A CB  1 
ATOM   412 C  CG  . ASN A 1 58 ? 6.652   -8.502  1.890   1.00 34.48 ? 58  ASN A CG  1 
ATOM   413 O  OD1 . ASN A 1 58 ? 6.368   -9.701  1.950   1.00 40.44 ? 58  ASN A OD1 1 
ATOM   414 N  ND2 . ASN A 1 58 ? 7.894   -8.057  1.710   1.00 36.73 ? 58  ASN A ND2 1 
ATOM   415 N  N   . CYS A 1 59 ? 3.892   -5.897  4.608   1.00 28.55 ? 59  CYS A N   1 
ATOM   416 C  CA  . CYS A 1 59 ? 3.956   -4.857  5.624   1.00 27.86 ? 59  CYS A CA  1 
ATOM   417 C  C   . CYS A 1 59 ? 4.122   -5.467  7.029   1.00 28.59 ? 59  CYS A C   1 
ATOM   418 O  O   . CYS A 1 59 ? 3.225   -6.150  7.510   1.00 27.80 ? 59  CYS A O   1 
ATOM   419 C  CB  . CYS A 1 59 ? 2.744   -3.929  5.623   1.00 26.96 ? 59  CYS A CB  1 
ATOM   420 S  SG  . CYS A 1 59 ? 2.936   -2.549  6.905   1.00 23.85 ? 59  CYS A SG  1 
ATOM   421 N  N   . PRO A 1 60 ? 5.247   -5.146  7.722   1.00 29.39 ? 60  PRO A N   1 
ATOM   422 C  CA  . PRO A 1 60 ? 5.475   -5.653  9.097   1.00 29.35 ? 60  PRO A CA  1 
ATOM   423 C  C   . PRO A 1 60 ? 4.446   -5.220  10.124  1.00 28.94 ? 60  PRO A C   1 
ATOM   424 O  O   . PRO A 1 60 ? 4.309   -5.886  11.130  1.00 29.17 ? 60  PRO A O   1 
ATOM   425 C  CB  . PRO A 1 60 ? 6.884   -5.097  9.447   1.00 30.00 ? 60  PRO A CB  1 
ATOM   426 C  CG  . PRO A 1 60 ? 7.520   -4.799  8.078   1.00 29.67 ? 60  PRO A CG  1 
ATOM   427 C  CD  . PRO A 1 60 ? 6.356   -4.265  7.291   1.00 28.41 ? 60  PRO A CD  1 
ATOM   428 N  N   . GLU A 1 61 ? 3.717   -4.134  9.856   1.00 28.90 ? 61  GLU A N   1 
ATOM   429 C  CA  . GLU A 1 61 ? 2.820   -3.505  10.823  1.00 29.30 ? 61  GLU A CA  1 
ATOM   430 C  C   . GLU A 1 61 ? 1.341   -3.835  10.598  1.00 30.55 ? 61  GLU A C   1 
ATOM   431 O  O   . GLU A 1 61 ? 0.438   -3.395  11.386  1.00 30.80 ? 61  GLU A O   1 
ATOM   432 C  CB  . GLU A 1 61 ? 3.018   -2.006  10.794  1.00 28.03 ? 61  GLU A CB  1 
ATOM   433 C  CG  . GLU A 1 61 ? 4.458   -1.531  11.032  1.00 30.57 ? 61  GLU A CG  1 
ATOM   434 C  CD  . GLU A 1 61 ? 5.107   -2.015  12.376  1.00 33.35 ? 61  GLU A CD  1 
ATOM   435 O  OE1 . GLU A 1 61 ? 6.369   -2.124  12.457  1.00 32.55 ? 61  GLU A OE1 1 
ATOM   436 O  OE2 . GLU A 1 61 ? 4.360   -2.298  13.350  1.00 34.53 ? 61  GLU A OE2 1 
ATOM   437 N  N   . ASN A 1 62 ? 1.106   -4.608  9.531   1.00 30.29 ? 62  ASN A N   1 
ATOM   438 C  CA  . ASN A 1 62 ? -0.237  -4.980  9.042   1.00 31.07 ? 62  ASN A CA  1 
ATOM   439 C  C   . ASN A 1 62 ? -1.120  -3.779  8.809   1.00 29.70 ? 62  ASN A C   1 
ATOM   440 O  O   . ASN A 1 62 ? -2.308  -3.768  9.120   1.00 28.72 ? 62  ASN A O   1 
ATOM   441 C  CB  . ASN A 1 62 ? -0.889  -6.092  9.903   1.00 31.99 ? 62  ASN A CB  1 
ATOM   442 C  CG  . ASN A 1 62 ? -0.101  -7.434  9.805   1.00 36.44 ? 62  ASN A CG  1 
ATOM   443 O  OD1 . ASN A 1 62 ? 0.417   -7.848  8.711   1.00 39.92 ? 62  ASN A OD1 1 
ATOM   444 N  ND2 . ASN A 1 62 ? 0.034   -8.088  10.944  1.00 39.34 ? 62  ASN A ND2 1 
ATOM   445 N  N   . ALA A 1 63 ? -0.480  -2.764  8.242   1.00 29.02 ? 63  ALA A N   1 
ATOM   446 C  CA  . ALA A 1 63 ? -1.055  -1.438  8.060   1.00 27.94 ? 63  ALA A CA  1 
ATOM   447 C  C   . ALA A 1 63 ? -1.920  -1.318  6.799   1.00 27.33 ? 63  ALA A C   1 
ATOM   448 O  O   . ALA A 1 63 ? -2.687  -0.383  6.709   1.00 27.25 ? 63  ALA A O   1 
ATOM   449 C  CB  . ALA A 1 63 ? 0.043   -0.395  8.034   1.00 27.75 ? 63  ALA A CB  1 
ATOM   450 N  N   . ILE A 1 64 ? -1.822  -2.268  5.864   1.00 26.35 ? 64  ILE A N   1 
ATOM   451 C  CA  . ILE A 1 64 ? -2.519  -2.166  4.583   1.00 26.63 ? 64  ILE A CA  1 
ATOM   452 C  C   . ILE A 1 64 ? -3.837  -2.998  4.524   1.00 27.57 ? 64  ILE A C   1 
ATOM   453 O  O   . ILE A 1 64 ? -3.833  -4.193  4.765   1.00 27.77 ? 64  ILE A O   1 
ATOM   454 C  CB  . ILE A 1 64 ? -1.574  -2.527  3.372   1.00 25.60 ? 64  ILE A CB  1 
ATOM   455 C  CG1 . ILE A 1 64 ? -0.326  -1.615  3.368   1.00 26.20 ? 64  ILE A CG1 1 
ATOM   456 C  CG2 . ILE A 1 64 ? -2.345  -2.488  2.005   1.00 23.94 ? 64  ILE A CG2 1 
ATOM   457 C  CD1 . ILE A 1 64 ? 0.868   -2.093  2.510   1.00 21.07 ? 64  ILE A CD1 1 
ATOM   458 N  N   . ASP A 1 65 ? -4.946  -2.356  4.154   1.00 29.16 ? 65  ASP A N   1 
ATOM   459 C  CA  . ASP A 1 65 ? -6.201  -3.046  3.876   1.00 30.53 ? 65  ASP A CA  1 
ATOM   460 C  C   . ASP A 1 65 ? -6.472  -3.089  2.409   1.00 30.41 ? 65  ASP A C   1 
ATOM   461 O  O   . ASP A 1 65 ? -6.315  -2.092  1.737   1.00 30.68 ? 65  ASP A O   1 
ATOM   462 C  CB  . ASP A 1 65 ? -7.370  -2.246  4.383   1.00 31.72 ? 65  ASP A CB  1 
ATOM   463 C  CG  . ASP A 1 65 ? -7.280  -1.938  5.817   1.00 34.00 ? 65  ASP A CG  1 
ATOM   464 O  OD1 . ASP A 1 65 ? -6.966  -2.904  6.544   1.00 34.15 ? 65  ASP A OD1 1 
ATOM   465 O  OD2 . ASP A 1 65 ? -7.557  -0.738  6.183   1.00 38.34 ? 65  ASP A OD2 1 
ATOM   466 N  N   . ILE A 1 66 ? -6.929  -4.219  1.906   1.00 30.11 ? 66  ILE A N   1 
ATOM   467 C  CA  . ILE A 1 66 ? -7.388  -4.247  0.546   1.00 31.09 ? 66  ILE A CA  1 
ATOM   468 C  C   . ILE A 1 66 ? -8.884  -4.511  0.613   1.00 32.27 ? 66  ILE A C   1 
ATOM   469 O  O   . ILE A 1 66 ? -9.297  -5.464  1.261   1.00 32.41 ? 66  ILE A O   1 
ATOM   470 C  CB  . ILE A 1 66 ? -6.610  -5.290  -0.265  1.00 30.77 ? 66  ILE A CB  1 
ATOM   471 C  CG1 . ILE A 1 66 ? -5.244  -4.752  -0.591  1.00 30.28 ? 66  ILE A CG1 1 
ATOM   472 C  CG2 . ILE A 1 66 ? -7.282  -5.615  -1.582  1.00 29.61 ? 66  ILE A CG2 1 
ATOM   473 C  CD1 . ILE A 1 66 ? -4.332  -5.806  -0.949  1.00 33.86 ? 66  ILE A CD1 1 
ATOM   474 N  N   . THR A 1 67 ? -9.691  -3.643  0.011   1.00 32.88 ? 67  THR A N   1 
ATOM   475 C  CA  . THR A 1 67 ? -11.124 -3.920  -0.122  1.00 34.45 ? 67  THR A CA  1 
ATOM   476 C  C   . THR A 1 67 ? -11.421 -4.664  -1.433  1.00 35.40 ? 67  THR A C   1 
ATOM   477 O  O   . THR A 1 67 ? -10.793 -4.421  -2.456  1.00 34.42 ? 67  THR A O   1 
ATOM   478 C  CB  . THR A 1 67 ? -12.010 -2.657  -0.106  1.00 34.27 ? 67  THR A CB  1 
ATOM   479 O  OG1 . THR A 1 67 ? -11.887 -1.992  -1.374  1.00 36.60 ? 67  THR A OG1 1 
ATOM   480 C  CG2 . THR A 1 67 ? -11.674 -1.719  1.045   1.00 32.68 ? 67  THR A CG2 1 
ATOM   481 N  N   . GLU A 1 68 ? -12.388 -5.575  -1.382  1.00 37.92 ? 68  GLU A N   1 
ATOM   482 C  CA  . GLU A 1 68 ? -12.786 -6.329  -2.556  1.00 40.58 ? 68  GLU A CA  1 
ATOM   483 C  C   . GLU A 1 68 ? -14.252 -6.062  -2.808  1.00 42.20 ? 68  GLU A C   1 
ATOM   484 O  O   . GLU A 1 68 ? -15.071 -6.172  -1.874  1.00 42.41 ? 68  GLU A O   1 
ATOM   485 C  CB  . GLU A 1 68 ? -12.574 -7.810  -2.303  1.00 41.33 ? 68  GLU A CB  1 
ATOM   486 C  CG  . GLU A 1 68 ? -11.687 -8.516  -3.350  1.00 44.42 ? 68  GLU A CG  1 
ATOM   487 C  CD  . GLU A 1 68 ? -11.583 -10.034 -3.156  1.00 47.95 ? 68  GLU A CD  1 
ATOM   488 O  OE1 . GLU A 1 68 ? -10.459 -10.573 -2.942  1.00 46.31 ? 68  GLU A OE1 1 
ATOM   489 O  OE2 . GLU A 1 68 ? -12.656 -10.681 -3.237  1.00 51.32 ? 68  GLU A OE2 1 
ATOM   490 N  N   . ASP A 1 69 ? -14.581 -5.672  -4.052  1.00 44.01 ? 69  ASP A N   1 
ATOM   491 C  CA  . ASP A 1 69 ? -16.000 -5.516  -4.488  1.00 44.86 ? 69  ASP A CA  1 
ATOM   492 C  C   . ASP A 1 69 ? -16.448 -6.223  -5.789  1.00 46.08 ? 69  ASP A C   1 
ATOM   493 O  O   . ASP A 1 69 ? -16.179 -5.753  -6.907  1.00 47.49 ? 69  ASP A O   1 
ATOM   494 C  CB  . ASP A 1 69 ? -16.402 -4.051  -4.468  1.00 44.68 ? 69  ASP A CB  1 
ATOM   495 C  CG  . ASP A 1 69 ? -16.530 -3.539  -3.073  1.00 43.66 ? 69  ASP A CG  1 
ATOM   496 O  OD1 . ASP A 1 69 ? -17.473 -3.978  -2.400  1.00 47.96 ? 69  ASP A OD1 1 
ATOM   497 O  OD2 . ASP A 1 69 ? -15.686 -2.749  -2.623  1.00 42.96 ? 69  ASP A OD2 1 
HETATM 498 FE FE1 . F3S B 2 .  ? 4.096   1.712   6.219   1.00 23.42 ? 101 F3S A FE1 1 
HETATM 499 FE FE3 . F3S B 2 .  ? 4.411   0.633   3.912   1.00 21.93 ? 101 F3S A FE3 1 
HETATM 500 FE FE4 . F3S B 2 .  ? 3.897   -0.837  5.933   1.00 25.64 ? 101 F3S A FE4 1 
HETATM 501 S  S1  . F3S B 2 .  ? 5.611   2.309   4.718   1.00 22.70 ? 101 F3S A S1  1 
HETATM 502 S  S2  . F3S B 2 .  ? 4.892   0.238   7.673   1.00 29.50 ? 101 F3S A S2  1 
HETATM 503 S  S3  . F3S B 2 .  ? 2.592   0.640   5.045   1.00 24.69 ? 101 F3S A S3  1 
HETATM 504 S  S4  . F3S B 2 .  ? 5.439   -1.288  4.420   1.00 26.67 ? 101 F3S A S4  1 
HETATM 505 O  O   . HOH C 3 .  ? -1.095  -14.620 -10.045 1.00 22.05 ? 201 HOH A O   1 
HETATM 506 O  O   . HOH C 3 .  ? 0.987   -7.792  -10.153 1.00 21.21 ? 202 HOH A O   1 
HETATM 507 O  O   . HOH C 3 .  ? -2.398  -10.221 1.526   1.00 29.02 ? 203 HOH A O   1 
HETATM 508 O  O   . HOH C 3 .  ? -3.194  3.259   -4.726  1.00 29.28 ? 204 HOH A O   1 
HETATM 509 O  O   . HOH C 3 .  ? -7.500  -2.881  -14.792 1.00 33.03 ? 205 HOH A O   1 
HETATM 510 O  O   . HOH C 3 .  ? -13.278 -1.931  -3.610  1.00 30.38 ? 206 HOH A O   1 
HETATM 511 O  O   . HOH C 3 .  ? -0.985  -4.867  6.066   1.00 30.21 ? 207 HOH A O   1 
HETATM 512 O  O   . HOH C 3 .  ? -4.725  -2.194  8.249   1.00 33.49 ? 208 HOH A O   1 
HETATM 513 O  O   . HOH C 3 .  ? -7.371  4.153   8.818   1.00 29.75 ? 209 HOH A O   1 
HETATM 514 O  O   . HOH C 3 .  ? -0.009  9.913   4.346   1.00 44.88 ? 210 HOH A O   1 
HETATM 515 O  O   . HOH C 3 .  ? 3.011   -9.388  -10.576 1.00 21.71 ? 211 HOH A O   1 
HETATM 516 O  O   . HOH C 3 .  ? -3.891  3.240   -7.894  1.00 34.81 ? 212 HOH A O   1 
HETATM 517 O  O   . HOH C 3 .  ? 0.441   10.121  8.436   1.00 33.06 ? 213 HOH A O   1 
HETATM 518 O  O   . HOH C 3 .  ? 1.443   -14.899 2.661   1.00 53.05 ? 214 HOH A O   1 
HETATM 519 O  O   . HOH C 3 .  ? -9.741  4.236   -3.420  1.00 29.33 ? 215 HOH A O   1 
HETATM 520 O  O   . HOH C 3 .  ? -4.082  6.531   4.337   1.00 31.46 ? 216 HOH A O   1 
HETATM 521 O  O   . HOH C 3 .  ? 0.200   -2.786  13.736  1.00 34.94 ? 217 HOH A O   1 
HETATM 522 O  O   . HOH C 3 .  ? 0.388   -0.656  15.138  1.00 35.55 ? 218 HOH A O   1 
HETATM 523 O  O   . HOH C 3 .  ? 2.710   11.359  8.063   1.00 37.15 ? 219 HOH A O   1 
# 
loop_
_pdbx_poly_seq_scheme.asym_id 
_pdbx_poly_seq_scheme.entity_id 
_pdbx_poly_seq_scheme.seq_id 
_pdbx_poly_seq_scheme.mon_id 
_pdbx_poly_seq_scheme.ndb_seq_num 
_pdbx_poly_seq_scheme.pdb_seq_num 
_pdbx_poly_seq_scheme.auth_seq_num 
_pdbx_poly_seq_scheme.pdb_mon_id 
_pdbx_poly_seq_scheme.auth_mon_id 
_pdbx_poly_seq_scheme.pdb_strand_id 
_pdbx_poly_seq_scheme.pdb_ins_code 
_pdbx_poly_seq_scheme.hetero 
A 1 1  MET 1  1  ?  ?   ?   A . n 
A 1 2  SER 2  2  ?  ?   ?   A . n 
A 1 3  GLU 3  3  ?  ?   ?   A . n 
A 1 4  MET 4  4  ?  ?   ?   A . n 
A 1 5  LEU 5  5  5  LEU LEU A . n 
A 1 6  THR 6  6  6  THR THR A . n 
A 1 7  ILE 7  7  7  ILE ILE A . n 
A 1 8  HIS 8  8  8  HIS HIS A . n 
A 1 9  VAL 9  9  9  VAL VAL A . n 
A 1 10 ASP 10 10 10 ASP ASP A . n 
A 1 11 GLN 11 11 11 GLN GLN A . n 
A 1 12 ASP 12 12 12 ASP ASP A . n 
A 1 13 LYS 13 13 13 LYS LYS A . n 
A 1 14 CYS 14 14 14 CYS CYS A . n 
A 1 15 GLN 15 15 15 GLN GLN A . n 
A 1 16 GLY 16 16 16 GLY GLY A . n 
A 1 17 HIS 17 17 17 HIS HIS A . n 
A 1 18 ALA 18 18 18 ALA ALA A . n 
A 1 19 ARG 19 19 19 ARG ARG A . n 
A 1 20 CYS 20 20 20 CYS CYS A . n 
A 1 21 LYS 21 21 21 LYS LYS A . n 
A 1 22 ALA 22 22 22 ALA ALA A . n 
A 1 23 LEU 23 23 23 LEU LEU A . n 
A 1 24 ALA 24 24 24 ALA ALA A . n 
A 1 25 PRO 25 25 25 PRO PRO A . n 
A 1 26 GLU 26 26 26 GLU GLU A . n 
A 1 27 LEU 27 27 27 LEU LEU A . n 
A 1 28 PHE 28 28 28 PHE PHE A . n 
A 1 29 ASP 29 29 29 ASP ASP A . n 
A 1 30 LEU 30 30 30 LEU LEU A . n 
A 1 31 ASP 31 31 31 ASP ASP A . n 
A 1 32 ASP 32 32 32 ASP ASP A . n 
A 1 33 TYR 33 33 33 TYR TYR A . n 
A 1 34 GLY 34 34 34 GLY GLY A . n 
A 1 35 ASN 35 35 35 ASN ASN A . n 
A 1 36 ALA 36 36 36 ALA ALA A . n 
A 1 37 HIS 37 37 37 HIS HIS A . n 
A 1 38 GLU 38 38 38 GLU GLU A . n 
A 1 39 LYS 39 39 39 LYS LYS A . n 
A 1 40 GLY 40 40 40 GLY GLY A . n 
A 1 41 ASP 41 41 41 ASP ASP A . n 
A 1 42 GLY 42 42 42 GLY GLY A . n 
A 1 43 VAL 43 43 43 VAL VAL A . n 
A 1 44 VAL 44 44 44 VAL VAL A . n 
A 1 45 PRO 45 45 45 PRO PRO A . n 
A 1 46 ALA 46 46 46 ALA ALA A . n 
A 1 47 ASP 47 47 47 ASP ASP A . n 
A 1 48 LEU 48 48 48 LEU LEU A . n 
A 1 49 ILE 49 49 49 ILE ILE A . n 
A 1 50 ASP 50 50 50 ASP ASP A . n 
A 1 51 LYS 51 51 51 LYS LYS A . n 
A 1 52 ALA 52 52 52 ALA ALA A . n 
A 1 53 TRP 53 53 53 TRP TRP A . n 
A 1 54 LEU 54 54 54 LEU LEU A . n 
A 1 55 ALA 55 55 55 ALA ALA A . n 
A 1 56 LYS 56 56 56 LYS LYS A . n 
A 1 57 SER 57 57 57 SER SER A . n 
A 1 58 ASN 58 58 58 ASN ASN A . n 
A 1 59 CYS 59 59 59 CYS CYS A . n 
A 1 60 PRO 60 60 60 PRO PRO A . n 
A 1 61 GLU 61 61 61 GLU GLU A . n 
A 1 62 ASN 62 62 62 ASN ASN A . n 
A 1 63 ALA 63 63 63 ALA ALA A . n 
A 1 64 ILE 64 64 64 ILE ILE A . n 
A 1 65 ASP 65 65 65 ASP ASP A . n 
A 1 66 ILE 66 66 66 ILE ILE A . n 
A 1 67 THR 67 67 67 THR THR A . n 
A 1 68 GLU 68 68 68 GLU GLU A . n 
A 1 69 ASP 69 69 69 ASP ASP A . n 
# 
loop_
_pdbx_nonpoly_scheme.asym_id 
_pdbx_nonpoly_scheme.entity_id 
_pdbx_nonpoly_scheme.mon_id 
_pdbx_nonpoly_scheme.ndb_seq_num 
_pdbx_nonpoly_scheme.pdb_seq_num 
_pdbx_nonpoly_scheme.auth_seq_num 
_pdbx_nonpoly_scheme.pdb_mon_id 
_pdbx_nonpoly_scheme.auth_mon_id 
_pdbx_nonpoly_scheme.pdb_strand_id 
_pdbx_nonpoly_scheme.pdb_ins_code 
B 2 F3S 1  101 70 F3S F3S A . 
C 3 HOH 1  201 1  HOH HOH A . 
C 3 HOH 2  202 2  HOH HOH A . 
C 3 HOH 3  203 3  HOH HOH A . 
C 3 HOH 4  204 4  HOH HOH A . 
C 3 HOH 5  205 5  HOH HOH A . 
C 3 HOH 6  206 6  HOH HOH A . 
C 3 HOH 7  207 7  HOH HOH A . 
C 3 HOH 8  208 8  HOH HOH A . 
C 3 HOH 9  209 9  HOH HOH A . 
C 3 HOH 10 210 10 HOH HOH A . 
C 3 HOH 11 211 11 HOH HOH A . 
C 3 HOH 12 212 12 HOH HOH A . 
C 3 HOH 13 213 13 HOH HOH A . 
C 3 HOH 14 214 14 HOH HOH A . 
C 3 HOH 15 215 15 HOH HOH A . 
C 3 HOH 16 216 16 HOH HOH A . 
C 3 HOH 17 217 17 HOH HOH A . 
C 3 HOH 18 218 18 HOH HOH A . 
C 3 HOH 19 219 19 HOH HOH A . 
# 
_pdbx_struct_assembly.id                   1 
_pdbx_struct_assembly.details              author_and_software_defined_assembly 
_pdbx_struct_assembly.method_details       PISA 
_pdbx_struct_assembly.oligomeric_details   monomeric 
_pdbx_struct_assembly.oligomeric_count     1 
# 
_pdbx_struct_assembly_gen.assembly_id       1 
_pdbx_struct_assembly_gen.oper_expression   1 
_pdbx_struct_assembly_gen.asym_id_list      A,B,C 
# 
_pdbx_struct_oper_list.id                   1 
_pdbx_struct_oper_list.type                 'identity operation' 
_pdbx_struct_oper_list.name                 1_555 
_pdbx_struct_oper_list.symmetry_operation   x,y,z 
_pdbx_struct_oper_list.matrix[1][1]         1.0000000000 
_pdbx_struct_oper_list.matrix[1][2]         0.0000000000 
_pdbx_struct_oper_list.matrix[1][3]         0.0000000000 
_pdbx_struct_oper_list.vector[1]            0.0000000000 
_pdbx_struct_oper_list.matrix[2][1]         0.0000000000 
_pdbx_struct_oper_list.matrix[2][2]         1.0000000000 
_pdbx_struct_oper_list.matrix[2][3]         0.0000000000 
_pdbx_struct_oper_list.vector[2]            0.0000000000 
_pdbx_struct_oper_list.matrix[3][1]         0.0000000000 
_pdbx_struct_oper_list.matrix[3][2]         0.0000000000 
_pdbx_struct_oper_list.matrix[3][3]         1.0000000000 
_pdbx_struct_oper_list.vector[3]            0.0000000000 
# 
loop_
_pdbx_struct_conn_angle.id 
_pdbx_struct_conn_angle.ptnr1_label_atom_id 
_pdbx_struct_conn_angle.ptnr1_label_alt_id 
_pdbx_struct_conn_angle.ptnr1_label_asym_id 
_pdbx_struct_conn_angle.ptnr1_label_comp_id 
_pdbx_struct_conn_angle.ptnr1_label_seq_id 
_pdbx_struct_conn_angle.ptnr1_auth_atom_id 
_pdbx_struct_conn_angle.ptnr1_auth_asym_id 
_pdbx_struct_conn_angle.ptnr1_auth_comp_id 
_pdbx_struct_conn_angle.ptnr1_auth_seq_id 
_pdbx_struct_conn_angle.ptnr1_PDB_ins_code 
_pdbx_struct_conn_angle.ptnr1_symmetry 
_pdbx_struct_conn_angle.ptnr2_label_atom_id 
_pdbx_struct_conn_angle.ptnr2_label_alt_id 
_pdbx_struct_conn_angle.ptnr2_label_asym_id 
_pdbx_struct_conn_angle.ptnr2_label_comp_id 
_pdbx_struct_conn_angle.ptnr2_label_seq_id 
_pdbx_struct_conn_angle.ptnr2_auth_atom_id 
_pdbx_struct_conn_angle.ptnr2_auth_asym_id 
_pdbx_struct_conn_angle.ptnr2_auth_comp_id 
_pdbx_struct_conn_angle.ptnr2_auth_seq_id 
_pdbx_struct_conn_angle.ptnr2_PDB_ins_code 
_pdbx_struct_conn_angle.ptnr2_symmetry 
_pdbx_struct_conn_angle.ptnr3_label_atom_id 
_pdbx_struct_conn_angle.ptnr3_label_alt_id 
_pdbx_struct_conn_angle.ptnr3_label_asym_id 
_pdbx_struct_conn_angle.ptnr3_label_comp_id 
_pdbx_struct_conn_angle.ptnr3_label_seq_id 
_pdbx_struct_conn_angle.ptnr3_auth_atom_id 
_pdbx_struct_conn_angle.ptnr3_auth_asym_id 
_pdbx_struct_conn_angle.ptnr3_auth_comp_id 
_pdbx_struct_conn_angle.ptnr3_auth_seq_id 
_pdbx_struct_conn_angle.ptnr3_PDB_ins_code 
_pdbx_struct_conn_angle.ptnr3_symmetry 
_pdbx_struct_conn_angle.value 
_pdbx_struct_conn_angle.value_esd 
1  SG ? A CYS 14 ? A CYS 14  ? 1_555 FE1 ? B F3S . ? A F3S 101 ? 1_555 S1 ? B F3S . ? A F3S 101 ? 1_555 104.4 ? 
2  SG ? A CYS 14 ? A CYS 14  ? 1_555 FE1 ? B F3S . ? A F3S 101 ? 1_555 S2 ? B F3S . ? A F3S 101 ? 1_555 114.6 ? 
3  S1 ? B F3S .  ? A F3S 101 ? 1_555 FE1 ? B F3S . ? A F3S 101 ? 1_555 S2 ? B F3S . ? A F3S 101 ? 1_555 112.2 ? 
4  SG ? A CYS 14 ? A CYS 14  ? 1_555 FE1 ? B F3S . ? A F3S 101 ? 1_555 S3 ? B F3S . ? A F3S 101 ? 1_555 115.6 ? 
5  S1 ? B F3S .  ? A F3S 101 ? 1_555 FE1 ? B F3S . ? A F3S 101 ? 1_555 S3 ? B F3S . ? A F3S 101 ? 1_555 103.8 ? 
6  S2 ? B F3S .  ? A F3S 101 ? 1_555 FE1 ? B F3S . ? A F3S 101 ? 1_555 S3 ? B F3S . ? A F3S 101 ? 1_555 105.8 ? 
7  SG ? A CYS 20 ? A CYS 20  ? 1_555 FE3 ? B F3S . ? A F3S 101 ? 1_555 S1 ? B F3S . ? A F3S 101 ? 1_555 104.0 ? 
8  SG ? A CYS 20 ? A CYS 20  ? 1_555 FE3 ? B F3S . ? A F3S 101 ? 1_555 S3 ? B F3S . ? A F3S 101 ? 1_555 119.5 ? 
9  S1 ? B F3S .  ? A F3S 101 ? 1_555 FE3 ? B F3S . ? A F3S 101 ? 1_555 S3 ? B F3S . ? A F3S 101 ? 1_555 105.4 ? 
10 SG ? A CYS 20 ? A CYS 20  ? 1_555 FE3 ? B F3S . ? A F3S 101 ? 1_555 S4 ? B F3S . ? A F3S 101 ? 1_555 112.9 ? 
11 S1 ? B F3S .  ? A F3S 101 ? 1_555 FE3 ? B F3S . ? A F3S 101 ? 1_555 S4 ? B F3S . ? A F3S 101 ? 1_555 108.5 ? 
12 S3 ? B F3S .  ? A F3S 101 ? 1_555 FE3 ? B F3S . ? A F3S 101 ? 1_555 S4 ? B F3S . ? A F3S 101 ? 1_555 105.8 ? 
13 SG ? A CYS 59 ? A CYS 59  ? 1_555 FE4 ? B F3S . ? A F3S 101 ? 1_555 S2 ? B F3S . ? A F3S 101 ? 1_555 102.8 ? 
14 SG ? A CYS 59 ? A CYS 59  ? 1_555 FE4 ? B F3S . ? A F3S 101 ? 1_555 S3 ? B F3S . ? A F3S 101 ? 1_555 116.8 ? 
15 S2 ? B F3S .  ? A F3S 101 ? 1_555 FE4 ? B F3S . ? A F3S 101 ? 1_555 S3 ? B F3S . ? A F3S 101 ? 1_555 104.8 ? 
16 SG ? A CYS 59 ? A CYS 59  ? 1_555 FE4 ? B F3S . ? A F3S 101 ? 1_555 S4 ? B F3S . ? A F3S 101 ? 1_555 116.8 ? 
17 S2 ? B F3S .  ? A F3S 101 ? 1_555 FE4 ? B F3S . ? A F3S 101 ? 1_555 S4 ? B F3S . ? A F3S 101 ? 1_555 108.4 ? 
18 S3 ? B F3S .  ? A F3S 101 ? 1_555 FE4 ? B F3S . ? A F3S 101 ? 1_555 S4 ? B F3S . ? A F3S 101 ? 1_555 106.3 ? 
# 
loop_
_pdbx_audit_revision_history.ordinal 
_pdbx_audit_revision_history.data_content_type 
_pdbx_audit_revision_history.major_revision 
_pdbx_audit_revision_history.minor_revision 
_pdbx_audit_revision_history.revision_date 
1 'Structure model' 1 0 2013-12-11 
2 'Structure model' 1 1 2014-05-14 
3 'Structure model' 1 2 2014-09-24 
4 'Structure model' 1 3 2023-09-20 
# 
_pdbx_audit_revision_details.ordinal             1 
_pdbx_audit_revision_details.revision_ordinal    1 
_pdbx_audit_revision_details.data_content_type   'Structure model' 
_pdbx_audit_revision_details.provider            repository 
_pdbx_audit_revision_details.type                'Initial release' 
_pdbx_audit_revision_details.description         ? 
_pdbx_audit_revision_details.details             ? 
# 
loop_
_pdbx_audit_revision_group.ordinal 
_pdbx_audit_revision_group.revision_ordinal 
_pdbx_audit_revision_group.data_content_type 
_pdbx_audit_revision_group.group 
1 2 'Structure model' 'Database references'    
2 3 'Structure model' 'Database references'    
3 4 'Structure model' 'Data collection'        
4 4 'Structure model' 'Database references'    
5 4 'Structure model' 'Derived calculations'   
6 4 'Structure model' 'Refinement description' 
# 
loop_
_pdbx_audit_revision_category.ordinal 
_pdbx_audit_revision_category.revision_ordinal 
_pdbx_audit_revision_category.data_content_type 
_pdbx_audit_revision_category.category 
1 4 'Structure model' chem_comp_atom                
2 4 'Structure model' chem_comp_bond                
3 4 'Structure model' database_2                    
4 4 'Structure model' pdbx_initial_refinement_model 
5 4 'Structure model' pdbx_struct_conn_angle        
6 4 'Structure model' struct_conn                   
7 4 'Structure model' struct_site                   
# 
loop_
_pdbx_audit_revision_item.ordinal 
_pdbx_audit_revision_item.revision_ordinal 
_pdbx_audit_revision_item.data_content_type 
_pdbx_audit_revision_item.item 
1  4 'Structure model' '_database_2.pdbx_DOI'                        
2  4 'Structure model' '_database_2.pdbx_database_accession'         
3  4 'Structure model' '_pdbx_struct_conn_angle.ptnr1_auth_seq_id'   
4  4 'Structure model' '_pdbx_struct_conn_angle.ptnr1_label_atom_id' 
5  4 'Structure model' '_pdbx_struct_conn_angle.ptnr1_label_seq_id'  
6  4 'Structure model' '_pdbx_struct_conn_angle.ptnr2_label_atom_id' 
7  4 'Structure model' '_pdbx_struct_conn_angle.ptnr3_label_atom_id' 
8  4 'Structure model' '_pdbx_struct_conn_angle.value'               
9  4 'Structure model' '_struct_conn.pdbx_dist_value'                
10 4 'Structure model' '_struct_conn.ptnr1_auth_seq_id'              
11 4 'Structure model' '_struct_conn.ptnr1_label_seq_id'             
12 4 'Structure model' '_struct_conn.ptnr2_label_atom_id'            
13 4 'Structure model' '_struct_site.pdbx_auth_asym_id'              
14 4 'Structure model' '_struct_site.pdbx_auth_comp_id'              
15 4 'Structure model' '_struct_site.pdbx_auth_seq_id'               
# 
loop_
_software.name 
_software.classification 
_software.version 
_software.citation_id 
_software.pdbx_ordinal 
HKL-2000 'data collection' .        ? 1 
PHASER   phasing           .        ? 2 
REFMAC   refinement        5.5.0109 ? 3 
HKL-2000 'data reduction'  .        ? 4 
HKL-2000 'data scaling'    .        ? 5 
# 
_pdbx_validate_rmsd_angle.id                         1 
_pdbx_validate_rmsd_angle.PDB_model_num              1 
_pdbx_validate_rmsd_angle.auth_atom_id_1             CB 
_pdbx_validate_rmsd_angle.auth_asym_id_1             A 
_pdbx_validate_rmsd_angle.auth_comp_id_1             ASP 
_pdbx_validate_rmsd_angle.auth_seq_id_1              32 
_pdbx_validate_rmsd_angle.PDB_ins_code_1             ? 
_pdbx_validate_rmsd_angle.label_alt_id_1             ? 
_pdbx_validate_rmsd_angle.auth_atom_id_2             CG 
_pdbx_validate_rmsd_angle.auth_asym_id_2             A 
_pdbx_validate_rmsd_angle.auth_comp_id_2             ASP 
_pdbx_validate_rmsd_angle.auth_seq_id_2              32 
_pdbx_validate_rmsd_angle.PDB_ins_code_2             ? 
_pdbx_validate_rmsd_angle.label_alt_id_2             ? 
_pdbx_validate_rmsd_angle.auth_atom_id_3             OD2 
_pdbx_validate_rmsd_angle.auth_asym_id_3             A 
_pdbx_validate_rmsd_angle.auth_comp_id_3             ASP 
_pdbx_validate_rmsd_angle.auth_seq_id_3              32 
_pdbx_validate_rmsd_angle.PDB_ins_code_3             ? 
_pdbx_validate_rmsd_angle.label_alt_id_3             ? 
_pdbx_validate_rmsd_angle.angle_value                123.86 
_pdbx_validate_rmsd_angle.angle_target_value         118.30 
_pdbx_validate_rmsd_angle.angle_deviation            5.56 
_pdbx_validate_rmsd_angle.angle_standard_deviation   0.90 
_pdbx_validate_rmsd_angle.linker_flag                N 
# 
loop_
_pdbx_unobs_or_zero_occ_residues.id 
_pdbx_unobs_or_zero_occ_residues.PDB_model_num 
_pdbx_unobs_or_zero_occ_residues.polymer_flag 
_pdbx_unobs_or_zero_occ_residues.occupancy_flag 
_pdbx_unobs_or_zero_occ_residues.auth_asym_id 
_pdbx_unobs_or_zero_occ_residues.auth_comp_id 
_pdbx_unobs_or_zero_occ_residues.auth_seq_id 
_pdbx_unobs_or_zero_occ_residues.PDB_ins_code 
_pdbx_unobs_or_zero_occ_residues.label_asym_id 
_pdbx_unobs_or_zero_occ_residues.label_comp_id 
_pdbx_unobs_or_zero_occ_residues.label_seq_id 
1 1 Y 1 A MET 1 ? A MET 1 
2 1 Y 1 A SER 2 ? A SER 2 
3 1 Y 1 A GLU 3 ? A GLU 3 
4 1 Y 1 A MET 4 ? A MET 4 
# 
loop_
_chem_comp_atom.comp_id 
_chem_comp_atom.atom_id 
_chem_comp_atom.type_symbol 
_chem_comp_atom.pdbx_aromatic_flag 
_chem_comp_atom.pdbx_stereo_config 
_chem_comp_atom.pdbx_ordinal 
ALA N    N  N N 1   
ALA CA   C  N S 2   
ALA C    C  N N 3   
ALA O    O  N N 4   
ALA CB   C  N N 5   
ALA OXT  O  N N 6   
ALA H    H  N N 7   
ALA H2   H  N N 8   
ALA HA   H  N N 9   
ALA HB1  H  N N 10  
ALA HB2  H  N N 11  
ALA HB3  H  N N 12  
ALA HXT  H  N N 13  
ARG N    N  N N 14  
ARG CA   C  N S 15  
ARG C    C  N N 16  
ARG O    O  N N 17  
ARG CB   C  N N 18  
ARG CG   C  N N 19  
ARG CD   C  N N 20  
ARG NE   N  N N 21  
ARG CZ   C  N N 22  
ARG NH1  N  N N 23  
ARG NH2  N  N N 24  
ARG OXT  O  N N 25  
ARG H    H  N N 26  
ARG H2   H  N N 27  
ARG HA   H  N N 28  
ARG HB2  H  N N 29  
ARG HB3  H  N N 30  
ARG HG2  H  N N 31  
ARG HG3  H  N N 32  
ARG HD2  H  N N 33  
ARG HD3  H  N N 34  
ARG HE   H  N N 35  
ARG HH11 H  N N 36  
ARG HH12 H  N N 37  
ARG HH21 H  N N 38  
ARG HH22 H  N N 39  
ARG HXT  H  N N 40  
ASN N    N  N N 41  
ASN CA   C  N S 42  
ASN C    C  N N 43  
ASN O    O  N N 44  
ASN CB   C  N N 45  
ASN CG   C  N N 46  
ASN OD1  O  N N 47  
ASN ND2  N  N N 48  
ASN OXT  O  N N 49  
ASN H    H  N N 50  
ASN H2   H  N N 51  
ASN HA   H  N N 52  
ASN HB2  H  N N 53  
ASN HB3  H  N N 54  
ASN HD21 H  N N 55  
ASN HD22 H  N N 56  
ASN HXT  H  N N 57  
ASP N    N  N N 58  
ASP CA   C  N S 59  
ASP C    C  N N 60  
ASP O    O  N N 61  
ASP CB   C  N N 62  
ASP CG   C  N N 63  
ASP OD1  O  N N 64  
ASP OD2  O  N N 65  
ASP OXT  O  N N 66  
ASP H    H  N N 67  
ASP H2   H  N N 68  
ASP HA   H  N N 69  
ASP HB2  H  N N 70  
ASP HB3  H  N N 71  
ASP HD2  H  N N 72  
ASP HXT  H  N N 73  
CYS N    N  N N 74  
CYS CA   C  N R 75  
CYS C    C  N N 76  
CYS O    O  N N 77  
CYS CB   C  N N 78  
CYS SG   S  N N 79  
CYS OXT  O  N N 80  
CYS H    H  N N 81  
CYS H2   H  N N 82  
CYS HA   H  N N 83  
CYS HB2  H  N N 84  
CYS HB3  H  N N 85  
CYS HG   H  N N 86  
CYS HXT  H  N N 87  
F3S FE1  FE N N 88  
F3S FE3  FE N N 89  
F3S FE4  FE N N 90  
F3S S1   S  N N 91  
F3S S2   S  N N 92  
F3S S3   S  N N 93  
F3S S4   S  N N 94  
GLN N    N  N N 95  
GLN CA   C  N S 96  
GLN C    C  N N 97  
GLN O    O  N N 98  
GLN CB   C  N N 99  
GLN CG   C  N N 100 
GLN CD   C  N N 101 
GLN OE1  O  N N 102 
GLN NE2  N  N N 103 
GLN OXT  O  N N 104 
GLN H    H  N N 105 
GLN H2   H  N N 106 
GLN HA   H  N N 107 
GLN HB2  H  N N 108 
GLN HB3  H  N N 109 
GLN HG2  H  N N 110 
GLN HG3  H  N N 111 
GLN HE21 H  N N 112 
GLN HE22 H  N N 113 
GLN HXT  H  N N 114 
GLU N    N  N N 115 
GLU CA   C  N S 116 
GLU C    C  N N 117 
GLU O    O  N N 118 
GLU CB   C  N N 119 
GLU CG   C  N N 120 
GLU CD   C  N N 121 
GLU OE1  O  N N 122 
GLU OE2  O  N N 123 
GLU OXT  O  N N 124 
GLU H    H  N N 125 
GLU H2   H  N N 126 
GLU HA   H  N N 127 
GLU HB2  H  N N 128 
GLU HB3  H  N N 129 
GLU HG2  H  N N 130 
GLU HG3  H  N N 131 
GLU HE2  H  N N 132 
GLU HXT  H  N N 133 
GLY N    N  N N 134 
GLY CA   C  N N 135 
GLY C    C  N N 136 
GLY O    O  N N 137 
GLY OXT  O  N N 138 
GLY H    H  N N 139 
GLY H2   H  N N 140 
GLY HA2  H  N N 141 
GLY HA3  H  N N 142 
GLY HXT  H  N N 143 
HIS N    N  N N 144 
HIS CA   C  N S 145 
HIS C    C  N N 146 
HIS O    O  N N 147 
HIS CB   C  N N 148 
HIS CG   C  Y N 149 
HIS ND1  N  Y N 150 
HIS CD2  C  Y N 151 
HIS CE1  C  Y N 152 
HIS NE2  N  Y N 153 
HIS OXT  O  N N 154 
HIS H    H  N N 155 
HIS H2   H  N N 156 
HIS HA   H  N N 157 
HIS HB2  H  N N 158 
HIS HB3  H  N N 159 
HIS HD1  H  N N 160 
HIS HD2  H  N N 161 
HIS HE1  H  N N 162 
HIS HE2  H  N N 163 
HIS HXT  H  N N 164 
HOH O    O  N N 165 
HOH H1   H  N N 166 
HOH H2   H  N N 167 
ILE N    N  N N 168 
ILE CA   C  N S 169 
ILE C    C  N N 170 
ILE O    O  N N 171 
ILE CB   C  N S 172 
ILE CG1  C  N N 173 
ILE CG2  C  N N 174 
ILE CD1  C  N N 175 
ILE OXT  O  N N 176 
ILE H    H  N N 177 
ILE H2   H  N N 178 
ILE HA   H  N N 179 
ILE HB   H  N N 180 
ILE HG12 H  N N 181 
ILE HG13 H  N N 182 
ILE HG21 H  N N 183 
ILE HG22 H  N N 184 
ILE HG23 H  N N 185 
ILE HD11 H  N N 186 
ILE HD12 H  N N 187 
ILE HD13 H  N N 188 
ILE HXT  H  N N 189 
LEU N    N  N N 190 
LEU CA   C  N S 191 
LEU C    C  N N 192 
LEU O    O  N N 193 
LEU CB   C  N N 194 
LEU CG   C  N N 195 
LEU CD1  C  N N 196 
LEU CD2  C  N N 197 
LEU OXT  O  N N 198 
LEU H    H  N N 199 
LEU H2   H  N N 200 
LEU HA   H  N N 201 
LEU HB2  H  N N 202 
LEU HB3  H  N N 203 
LEU HG   H  N N 204 
LEU HD11 H  N N 205 
LEU HD12 H  N N 206 
LEU HD13 H  N N 207 
LEU HD21 H  N N 208 
LEU HD22 H  N N 209 
LEU HD23 H  N N 210 
LEU HXT  H  N N 211 
LYS N    N  N N 212 
LYS CA   C  N S 213 
LYS C    C  N N 214 
LYS O    O  N N 215 
LYS CB   C  N N 216 
LYS CG   C  N N 217 
LYS CD   C  N N 218 
LYS CE   C  N N 219 
LYS NZ   N  N N 220 
LYS OXT  O  N N 221 
LYS H    H  N N 222 
LYS H2   H  N N 223 
LYS HA   H  N N 224 
LYS HB2  H  N N 225 
LYS HB3  H  N N 226 
LYS HG2  H  N N 227 
LYS HG3  H  N N 228 
LYS HD2  H  N N 229 
LYS HD3  H  N N 230 
LYS HE2  H  N N 231 
LYS HE3  H  N N 232 
LYS HZ1  H  N N 233 
LYS HZ2  H  N N 234 
LYS HZ3  H  N N 235 
LYS HXT  H  N N 236 
MET N    N  N N 237 
MET CA   C  N S 238 
MET C    C  N N 239 
MET O    O  N N 240 
MET CB   C  N N 241 
MET CG   C  N N 242 
MET SD   S  N N 243 
MET CE   C  N N 244 
MET OXT  O  N N 245 
MET H    H  N N 246 
MET H2   H  N N 247 
MET HA   H  N N 248 
MET HB2  H  N N 249 
MET HB3  H  N N 250 
MET HG2  H  N N 251 
MET HG3  H  N N 252 
MET HE1  H  N N 253 
MET HE2  H  N N 254 
MET HE3  H  N N 255 
MET HXT  H  N N 256 
PHE N    N  N N 257 
PHE CA   C  N S 258 
PHE C    C  N N 259 
PHE O    O  N N 260 
PHE CB   C  N N 261 
PHE CG   C  Y N 262 
PHE CD1  C  Y N 263 
PHE CD2  C  Y N 264 
PHE CE1  C  Y N 265 
PHE CE2  C  Y N 266 
PHE CZ   C  Y N 267 
PHE OXT  O  N N 268 
PHE H    H  N N 269 
PHE H2   H  N N 270 
PHE HA   H  N N 271 
PHE HB2  H  N N 272 
PHE HB3  H  N N 273 
PHE HD1  H  N N 274 
PHE HD2  H  N N 275 
PHE HE1  H  N N 276 
PHE HE2  H  N N 277 
PHE HZ   H  N N 278 
PHE HXT  H  N N 279 
PRO N    N  N N 280 
PRO CA   C  N S 281 
PRO C    C  N N 282 
PRO O    O  N N 283 
PRO CB   C  N N 284 
PRO CG   C  N N 285 
PRO CD   C  N N 286 
PRO OXT  O  N N 287 
PRO H    H  N N 288 
PRO HA   H  N N 289 
PRO HB2  H  N N 290 
PRO HB3  H  N N 291 
PRO HG2  H  N N 292 
PRO HG3  H  N N 293 
PRO HD2  H  N N 294 
PRO HD3  H  N N 295 
PRO HXT  H  N N 296 
SER N    N  N N 297 
SER CA   C  N S 298 
SER C    C  N N 299 
SER O    O  N N 300 
SER CB   C  N N 301 
SER OG   O  N N 302 
SER OXT  O  N N 303 
SER H    H  N N 304 
SER H2   H  N N 305 
SER HA   H  N N 306 
SER HB2  H  N N 307 
SER HB3  H  N N 308 
SER HG   H  N N 309 
SER HXT  H  N N 310 
THR N    N  N N 311 
THR CA   C  N S 312 
THR C    C  N N 313 
THR O    O  N N 314 
THR CB   C  N R 315 
THR OG1  O  N N 316 
THR CG2  C  N N 317 
THR OXT  O  N N 318 
THR H    H  N N 319 
THR H2   H  N N 320 
THR HA   H  N N 321 
THR HB   H  N N 322 
THR HG1  H  N N 323 
THR HG21 H  N N 324 
THR HG22 H  N N 325 
THR HG23 H  N N 326 
THR HXT  H  N N 327 
TRP N    N  N N 328 
TRP CA   C  N S 329 
TRP C    C  N N 330 
TRP O    O  N N 331 
TRP CB   C  N N 332 
TRP CG   C  Y N 333 
TRP CD1  C  Y N 334 
TRP CD2  C  Y N 335 
TRP NE1  N  Y N 336 
TRP CE2  C  Y N 337 
TRP CE3  C  Y N 338 
TRP CZ2  C  Y N 339 
TRP CZ3  C  Y N 340 
TRP CH2  C  Y N 341 
TRP OXT  O  N N 342 
TRP H    H  N N 343 
TRP H2   H  N N 344 
TRP HA   H  N N 345 
TRP HB2  H  N N 346 
TRP HB3  H  N N 347 
TRP HD1  H  N N 348 
TRP HE1  H  N N 349 
TRP HE3  H  N N 350 
TRP HZ2  H  N N 351 
TRP HZ3  H  N N 352 
TRP HH2  H  N N 353 
TRP HXT  H  N N 354 
TYR N    N  N N 355 
TYR CA   C  N S 356 
TYR C    C  N N 357 
TYR O    O  N N 358 
TYR CB   C  N N 359 
TYR CG   C  Y N 360 
TYR CD1  C  Y N 361 
TYR CD2  C  Y N 362 
TYR CE1  C  Y N 363 
TYR CE2  C  Y N 364 
TYR CZ   C  Y N 365 
TYR OH   O  N N 366 
TYR OXT  O  N N 367 
TYR H    H  N N 368 
TYR H2   H  N N 369 
TYR HA   H  N N 370 
TYR HB2  H  N N 371 
TYR HB3  H  N N 372 
TYR HD1  H  N N 373 
TYR HD2  H  N N 374 
TYR HE1  H  N N 375 
TYR HE2  H  N N 376 
TYR HH   H  N N 377 
TYR HXT  H  N N 378 
VAL N    N  N N 379 
VAL CA   C  N S 380 
VAL C    C  N N 381 
VAL O    O  N N 382 
VAL CB   C  N N 383 
VAL CG1  C  N N 384 
VAL CG2  C  N N 385 
VAL OXT  O  N N 386 
VAL H    H  N N 387 
VAL H2   H  N N 388 
VAL HA   H  N N 389 
VAL HB   H  N N 390 
VAL HG11 H  N N 391 
VAL HG12 H  N N 392 
VAL HG13 H  N N 393 
VAL HG21 H  N N 394 
VAL HG22 H  N N 395 
VAL HG23 H  N N 396 
VAL HXT  H  N N 397 
# 
loop_
_chem_comp_bond.comp_id 
_chem_comp_bond.atom_id_1 
_chem_comp_bond.atom_id_2 
_chem_comp_bond.value_order 
_chem_comp_bond.pdbx_aromatic_flag 
_chem_comp_bond.pdbx_stereo_config 
_chem_comp_bond.pdbx_ordinal 
ALA N   CA   sing N N 1   
ALA N   H    sing N N 2   
ALA N   H2   sing N N 3   
ALA CA  C    sing N N 4   
ALA CA  CB   sing N N 5   
ALA CA  HA   sing N N 6   
ALA C   O    doub N N 7   
ALA C   OXT  sing N N 8   
ALA CB  HB1  sing N N 9   
ALA CB  HB2  sing N N 10  
ALA CB  HB3  sing N N 11  
ALA OXT HXT  sing N N 12  
ARG N   CA   sing N N 13  
ARG N   H    sing N N 14  
ARG N   H2   sing N N 15  
ARG CA  C    sing N N 16  
ARG CA  CB   sing N N 17  
ARG CA  HA   sing N N 18  
ARG C   O    doub N N 19  
ARG C   OXT  sing N N 20  
ARG CB  CG   sing N N 21  
ARG CB  HB2  sing N N 22  
ARG CB  HB3  sing N N 23  
ARG CG  CD   sing N N 24  
ARG CG  HG2  sing N N 25  
ARG CG  HG3  sing N N 26  
ARG CD  NE   sing N N 27  
ARG CD  HD2  sing N N 28  
ARG CD  HD3  sing N N 29  
ARG NE  CZ   sing N N 30  
ARG NE  HE   sing N N 31  
ARG CZ  NH1  sing N N 32  
ARG CZ  NH2  doub N N 33  
ARG NH1 HH11 sing N N 34  
ARG NH1 HH12 sing N N 35  
ARG NH2 HH21 sing N N 36  
ARG NH2 HH22 sing N N 37  
ARG OXT HXT  sing N N 38  
ASN N   CA   sing N N 39  
ASN N   H    sing N N 40  
ASN N   H2   sing N N 41  
ASN CA  C    sing N N 42  
ASN CA  CB   sing N N 43  
ASN CA  HA   sing N N 44  
ASN C   O    doub N N 45  
ASN C   OXT  sing N N 46  
ASN CB  CG   sing N N 47  
ASN CB  HB2  sing N N 48  
ASN CB  HB3  sing N N 49  
ASN CG  OD1  doub N N 50  
ASN CG  ND2  sing N N 51  
ASN ND2 HD21 sing N N 52  
ASN ND2 HD22 sing N N 53  
ASN OXT HXT  sing N N 54  
ASP N   CA   sing N N 55  
ASP N   H    sing N N 56  
ASP N   H2   sing N N 57  
ASP CA  C    sing N N 58  
ASP CA  CB   sing N N 59  
ASP CA  HA   sing N N 60  
ASP C   O    doub N N 61  
ASP C   OXT  sing N N 62  
ASP CB  CG   sing N N 63  
ASP CB  HB2  sing N N 64  
ASP CB  HB3  sing N N 65  
ASP CG  OD1  doub N N 66  
ASP CG  OD2  sing N N 67  
ASP OD2 HD2  sing N N 68  
ASP OXT HXT  sing N N 69  
CYS N   CA   sing N N 70  
CYS N   H    sing N N 71  
CYS N   H2   sing N N 72  
CYS CA  C    sing N N 73  
CYS CA  CB   sing N N 74  
CYS CA  HA   sing N N 75  
CYS C   O    doub N N 76  
CYS C   OXT  sing N N 77  
CYS CB  SG   sing N N 78  
CYS CB  HB2  sing N N 79  
CYS CB  HB3  sing N N 80  
CYS SG  HG   sing N N 81  
CYS OXT HXT  sing N N 82  
F3S FE1 S1   sing N N 83  
F3S FE1 S2   sing N N 84  
F3S FE1 S3   sing N N 85  
F3S FE3 S1   sing N N 86  
F3S FE3 S3   sing N N 87  
F3S FE3 S4   sing N N 88  
F3S FE4 S2   sing N N 89  
F3S FE4 S3   sing N N 90  
F3S FE4 S4   sing N N 91  
GLN N   CA   sing N N 92  
GLN N   H    sing N N 93  
GLN N   H2   sing N N 94  
GLN CA  C    sing N N 95  
GLN CA  CB   sing N N 96  
GLN CA  HA   sing N N 97  
GLN C   O    doub N N 98  
GLN C   OXT  sing N N 99  
GLN CB  CG   sing N N 100 
GLN CB  HB2  sing N N 101 
GLN CB  HB3  sing N N 102 
GLN CG  CD   sing N N 103 
GLN CG  HG2  sing N N 104 
GLN CG  HG3  sing N N 105 
GLN CD  OE1  doub N N 106 
GLN CD  NE2  sing N N 107 
GLN NE2 HE21 sing N N 108 
GLN NE2 HE22 sing N N 109 
GLN OXT HXT  sing N N 110 
GLU N   CA   sing N N 111 
GLU N   H    sing N N 112 
GLU N   H2   sing N N 113 
GLU CA  C    sing N N 114 
GLU CA  CB   sing N N 115 
GLU CA  HA   sing N N 116 
GLU C   O    doub N N 117 
GLU C   OXT  sing N N 118 
GLU CB  CG   sing N N 119 
GLU CB  HB2  sing N N 120 
GLU CB  HB3  sing N N 121 
GLU CG  CD   sing N N 122 
GLU CG  HG2  sing N N 123 
GLU CG  HG3  sing N N 124 
GLU CD  OE1  doub N N 125 
GLU CD  OE2  sing N N 126 
GLU OE2 HE2  sing N N 127 
GLU OXT HXT  sing N N 128 
GLY N   CA   sing N N 129 
GLY N   H    sing N N 130 
GLY N   H2   sing N N 131 
GLY CA  C    sing N N 132 
GLY CA  HA2  sing N N 133 
GLY CA  HA3  sing N N 134 
GLY C   O    doub N N 135 
GLY C   OXT  sing N N 136 
GLY OXT HXT  sing N N 137 
HIS N   CA   sing N N 138 
HIS N   H    sing N N 139 
HIS N   H2   sing N N 140 
HIS CA  C    sing N N 141 
HIS CA  CB   sing N N 142 
HIS CA  HA   sing N N 143 
HIS C   O    doub N N 144 
HIS C   OXT  sing N N 145 
HIS CB  CG   sing N N 146 
HIS CB  HB2  sing N N 147 
HIS CB  HB3  sing N N 148 
HIS CG  ND1  sing Y N 149 
HIS CG  CD2  doub Y N 150 
HIS ND1 CE1  doub Y N 151 
HIS ND1 HD1  sing N N 152 
HIS CD2 NE2  sing Y N 153 
HIS CD2 HD2  sing N N 154 
HIS CE1 NE2  sing Y N 155 
HIS CE1 HE1  sing N N 156 
HIS NE2 HE2  sing N N 157 
HIS OXT HXT  sing N N 158 
HOH O   H1   sing N N 159 
HOH O   H2   sing N N 160 
ILE N   CA   sing N N 161 
ILE N   H    sing N N 162 
ILE N   H2   sing N N 163 
ILE CA  C    sing N N 164 
ILE CA  CB   sing N N 165 
ILE CA  HA   sing N N 166 
ILE C   O    doub N N 167 
ILE C   OXT  sing N N 168 
ILE CB  CG1  sing N N 169 
ILE CB  CG2  sing N N 170 
ILE CB  HB   sing N N 171 
ILE CG1 CD1  sing N N 172 
ILE CG1 HG12 sing N N 173 
ILE CG1 HG13 sing N N 174 
ILE CG2 HG21 sing N N 175 
ILE CG2 HG22 sing N N 176 
ILE CG2 HG23 sing N N 177 
ILE CD1 HD11 sing N N 178 
ILE CD1 HD12 sing N N 179 
ILE CD1 HD13 sing N N 180 
ILE OXT HXT  sing N N 181 
LEU N   CA   sing N N 182 
LEU N   H    sing N N 183 
LEU N   H2   sing N N 184 
LEU CA  C    sing N N 185 
LEU CA  CB   sing N N 186 
LEU CA  HA   sing N N 187 
LEU C   O    doub N N 188 
LEU C   OXT  sing N N 189 
LEU CB  CG   sing N N 190 
LEU CB  HB2  sing N N 191 
LEU CB  HB3  sing N N 192 
LEU CG  CD1  sing N N 193 
LEU CG  CD2  sing N N 194 
LEU CG  HG   sing N N 195 
LEU CD1 HD11 sing N N 196 
LEU CD1 HD12 sing N N 197 
LEU CD1 HD13 sing N N 198 
LEU CD2 HD21 sing N N 199 
LEU CD2 HD22 sing N N 200 
LEU CD2 HD23 sing N N 201 
LEU OXT HXT  sing N N 202 
LYS N   CA   sing N N 203 
LYS N   H    sing N N 204 
LYS N   H2   sing N N 205 
LYS CA  C    sing N N 206 
LYS CA  CB   sing N N 207 
LYS CA  HA   sing N N 208 
LYS C   O    doub N N 209 
LYS C   OXT  sing N N 210 
LYS CB  CG   sing N N 211 
LYS CB  HB2  sing N N 212 
LYS CB  HB3  sing N N 213 
LYS CG  CD   sing N N 214 
LYS CG  HG2  sing N N 215 
LYS CG  HG3  sing N N 216 
LYS CD  CE   sing N N 217 
LYS CD  HD2  sing N N 218 
LYS CD  HD3  sing N N 219 
LYS CE  NZ   sing N N 220 
LYS CE  HE2  sing N N 221 
LYS CE  HE3  sing N N 222 
LYS NZ  HZ1  sing N N 223 
LYS NZ  HZ2  sing N N 224 
LYS NZ  HZ3  sing N N 225 
LYS OXT HXT  sing N N 226 
MET N   CA   sing N N 227 
MET N   H    sing N N 228 
MET N   H2   sing N N 229 
MET CA  C    sing N N 230 
MET CA  CB   sing N N 231 
MET CA  HA   sing N N 232 
MET C   O    doub N N 233 
MET C   OXT  sing N N 234 
MET CB  CG   sing N N 235 
MET CB  HB2  sing N N 236 
MET CB  HB3  sing N N 237 
MET CG  SD   sing N N 238 
MET CG  HG2  sing N N 239 
MET CG  HG3  sing N N 240 
MET SD  CE   sing N N 241 
MET CE  HE1  sing N N 242 
MET CE  HE2  sing N N 243 
MET CE  HE3  sing N N 244 
MET OXT HXT  sing N N 245 
PHE N   CA   sing N N 246 
PHE N   H    sing N N 247 
PHE N   H2   sing N N 248 
PHE CA  C    sing N N 249 
PHE CA  CB   sing N N 250 
PHE CA  HA   sing N N 251 
PHE C   O    doub N N 252 
PHE C   OXT  sing N N 253 
PHE CB  CG   sing N N 254 
PHE CB  HB2  sing N N 255 
PHE CB  HB3  sing N N 256 
PHE CG  CD1  doub Y N 257 
PHE CG  CD2  sing Y N 258 
PHE CD1 CE1  sing Y N 259 
PHE CD1 HD1  sing N N 260 
PHE CD2 CE2  doub Y N 261 
PHE CD2 HD2  sing N N 262 
PHE CE1 CZ   doub Y N 263 
PHE CE1 HE1  sing N N 264 
PHE CE2 CZ   sing Y N 265 
PHE CE2 HE2  sing N N 266 
PHE CZ  HZ   sing N N 267 
PHE OXT HXT  sing N N 268 
PRO N   CA   sing N N 269 
PRO N   CD   sing N N 270 
PRO N   H    sing N N 271 
PRO CA  C    sing N N 272 
PRO CA  CB   sing N N 273 
PRO CA  HA   sing N N 274 
PRO C   O    doub N N 275 
PRO C   OXT  sing N N 276 
PRO CB  CG   sing N N 277 
PRO CB  HB2  sing N N 278 
PRO CB  HB3  sing N N 279 
PRO CG  CD   sing N N 280 
PRO CG  HG2  sing N N 281 
PRO CG  HG3  sing N N 282 
PRO CD  HD2  sing N N 283 
PRO CD  HD3  sing N N 284 
PRO OXT HXT  sing N N 285 
SER N   CA   sing N N 286 
SER N   H    sing N N 287 
SER N   H2   sing N N 288 
SER CA  C    sing N N 289 
SER CA  CB   sing N N 290 
SER CA  HA   sing N N 291 
SER C   O    doub N N 292 
SER C   OXT  sing N N 293 
SER CB  OG   sing N N 294 
SER CB  HB2  sing N N 295 
SER CB  HB3  sing N N 296 
SER OG  HG   sing N N 297 
SER OXT HXT  sing N N 298 
THR N   CA   sing N N 299 
THR N   H    sing N N 300 
THR N   H2   sing N N 301 
THR CA  C    sing N N 302 
THR CA  CB   sing N N 303 
THR CA  HA   sing N N 304 
THR C   O    doub N N 305 
THR C   OXT  sing N N 306 
THR CB  OG1  sing N N 307 
THR CB  CG2  sing N N 308 
THR CB  HB   sing N N 309 
THR OG1 HG1  sing N N 310 
THR CG2 HG21 sing N N 311 
THR CG2 HG22 sing N N 312 
THR CG2 HG23 sing N N 313 
THR OXT HXT  sing N N 314 
TRP N   CA   sing N N 315 
TRP N   H    sing N N 316 
TRP N   H2   sing N N 317 
TRP CA  C    sing N N 318 
TRP CA  CB   sing N N 319 
TRP CA  HA   sing N N 320 
TRP C   O    doub N N 321 
TRP C   OXT  sing N N 322 
TRP CB  CG   sing N N 323 
TRP CB  HB2  sing N N 324 
TRP CB  HB3  sing N N 325 
TRP CG  CD1  doub Y N 326 
TRP CG  CD2  sing Y N 327 
TRP CD1 NE1  sing Y N 328 
TRP CD1 HD1  sing N N 329 
TRP CD2 CE2  doub Y N 330 
TRP CD2 CE3  sing Y N 331 
TRP NE1 CE2  sing Y N 332 
TRP NE1 HE1  sing N N 333 
TRP CE2 CZ2  sing Y N 334 
TRP CE3 CZ3  doub Y N 335 
TRP CE3 HE3  sing N N 336 
TRP CZ2 CH2  doub Y N 337 
TRP CZ2 HZ2  sing N N 338 
TRP CZ3 CH2  sing Y N 339 
TRP CZ3 HZ3  sing N N 340 
TRP CH2 HH2  sing N N 341 
TRP OXT HXT  sing N N 342 
TYR N   CA   sing N N 343 
TYR N   H    sing N N 344 
TYR N   H2   sing N N 345 
TYR CA  C    sing N N 346 
TYR CA  CB   sing N N 347 
TYR CA  HA   sing N N 348 
TYR C   O    doub N N 349 
TYR C   OXT  sing N N 350 
TYR CB  CG   sing N N 351 
TYR CB  HB2  sing N N 352 
TYR CB  HB3  sing N N 353 
TYR CG  CD1  doub Y N 354 
TYR CG  CD2  sing Y N 355 
TYR CD1 CE1  sing Y N 356 
TYR CD1 HD1  sing N N 357 
TYR CD2 CE2  doub Y N 358 
TYR CD2 HD2  sing N N 359 
TYR CE1 CZ   doub Y N 360 
TYR CE1 HE1  sing N N 361 
TYR CE2 CZ   sing Y N 362 
TYR CE2 HE2  sing N N 363 
TYR CZ  OH   sing N N 364 
TYR OH  HH   sing N N 365 
TYR OXT HXT  sing N N 366 
VAL N   CA   sing N N 367 
VAL N   H    sing N N 368 
VAL N   H2   sing N N 369 
VAL CA  C    sing N N 370 
VAL CA  CB   sing N N 371 
VAL CA  HA   sing N N 372 
VAL C   O    doub N N 373 
VAL C   OXT  sing N N 374 
VAL CB  CG1  sing N N 375 
VAL CB  CG2  sing N N 376 
VAL CB  HB   sing N N 377 
VAL CG1 HG11 sing N N 378 
VAL CG1 HG12 sing N N 379 
VAL CG1 HG13 sing N N 380 
VAL CG2 HG21 sing N N 381 
VAL CG2 HG22 sing N N 382 
VAL CG2 HG23 sing N N 383 
VAL OXT HXT  sing N N 384 
# 
loop_
_pdbx_entity_nonpoly.entity_id 
_pdbx_entity_nonpoly.name 
_pdbx_entity_nonpoly.comp_id 
2 'FE3-S4 CLUSTER' F3S 
3 water            HOH 
# 
_pdbx_initial_refinement_model.id               1 
_pdbx_initial_refinement_model.entity_id_list   ? 
_pdbx_initial_refinement_model.type             'experimental model' 
_pdbx_initial_refinement_model.source_name      PDB 
_pdbx_initial_refinement_model.accession_code   2Z8Q 
_pdbx_initial_refinement_model.details          'PDB ENTRY 2Z8Q' 
# 
